data_4EE5
#
_entry.id   4EE5
#
_cell.length_a   107.303
_cell.length_b   195.341
_cell.length_c   143.908
_cell.angle_alpha   90.00
_cell.angle_beta   90.00
_cell.angle_gamma   90.00
#
_symmetry.space_group_name_H-M   'C 2 2 21'
#
loop_
_entity.id
_entity.type
_entity.pdbx_description
1 polymer 'Beta-1,4-galactosyltransferase 1'
2 branched 2-acetamido-2-deoxy-beta-D-glucopyranose-(1-3)-beta-D-galactopyranose-(1-4)-beta-D-glucopyranose
3 non-polymer "URIDINE-5'-DIPHOSPHATE"
4 non-polymer 'MANGANESE (II) ION'
5 non-polymer GLYCEROL
6 non-polymer 'SULFATE ION'
7 water water
#
_entity_poly.entity_id   1
_entity_poly.type   'polypeptide(L)'
_entity_poly.pdbx_seq_one_letter_code
;ASMTGGQQMGRGSASLPACPEESPLLVGPMLIEFNMPVDLELVAKQNPNVKMGGRYAPRDCVSPHKVAIIIPFRNRQEHL
KYWLYYLHPVLQRQQLDYGIYVINQAGDTIFNRAKLLNVGFQEALKDYDYTCFVFSDVDLIPMNDHNAYRCFSQPRHISV
AMDKFGFSLPYVQYFGGVSALSKQQFLTINGFPNNYWGWGGEDDDIFNRLVFRGMSISRPNAVVGTTRHIRHSRDKKNEP
NPQRFDRIAHTKETMLSDGLNSLTYQVLDVQRYPLYTQITVDIGTPS
;
_entity_poly.pdbx_strand_id   A,B,C
#
loop_
_chem_comp.id
_chem_comp.type
_chem_comp.name
_chem_comp.formula
BGC D-saccharide, beta linking beta-D-glucopyranose 'C6 H12 O6'
GAL D-saccharide, beta linking beta-D-galactopyranose 'C6 H12 O6'
GOL non-polymer GLYCEROL 'C3 H8 O3'
MN non-polymer 'MANGANESE (II) ION' 'Mn 2'
NAG D-saccharide, beta linking 2-acetamido-2-deoxy-beta-D-glucopyranose 'C8 H15 N O6'
SO4 non-polymer 'SULFATE ION' 'O4 S -2'
UDP RNA linking URIDINE-5'-DIPHOSPHATE 'C9 H14 N2 O12 P2'
#
# COMPACT_ATOMS: atom_id res chain seq x y z
N SER A 15 -2.93 19.11 28.20
CA SER A 15 -2.92 19.83 26.88
C SER A 15 -3.03 18.95 25.59
N LEU A 16 -2.28 17.85 25.44
CA LEU A 16 -2.42 16.96 24.25
C LEU A 16 -3.90 16.58 23.99
N PRO A 17 -4.38 16.71 22.73
CA PRO A 17 -5.79 16.31 22.52
C PRO A 17 -5.89 14.79 22.41
N ALA A 18 -7.12 14.26 22.42
CA ALA A 18 -7.32 12.83 22.24
C ALA A 18 -6.89 12.42 20.83
N CYS A 19 -6.37 11.21 20.66
CA CYS A 19 -6.09 10.71 19.32
C CYS A 19 -7.40 10.69 18.55
N PRO A 20 -7.36 10.80 17.21
CA PRO A 20 -8.59 10.48 16.48
C PRO A 20 -9.07 9.06 16.88
N GLU A 21 -10.39 8.86 16.78
CA GLU A 21 -11.04 7.61 17.14
C GLU A 21 -10.58 6.41 16.29
N GLU A 22 -10.52 6.55 14.96
CA GLU A 22 -9.75 5.62 14.18
C GLU A 22 -8.47 6.29 13.71
N SER A 23 -7.37 5.56 13.72
CA SER A 23 -6.13 6.18 13.32
C SER A 23 -6.10 6.48 11.82
N PRO A 24 -5.56 7.66 11.46
CA PRO A 24 -5.46 7.99 10.05
C PRO A 24 -4.16 7.50 9.43
N LEU A 25 -3.29 6.90 10.23
CA LEU A 25 -1.99 6.46 9.75
C LEU A 25 -2.05 5.07 9.08
N LEU A 26 -3.15 4.35 9.26
CA LEU A 26 -3.29 2.98 8.74
C LEU A 26 -3.20 2.86 7.22
N VAL A 27 -2.47 1.86 6.74
CA VAL A 27 -2.36 1.70 5.31
C VAL A 27 -3.05 0.44 4.81
N GLY A 28 -3.74 -0.28 5.69
CA GLY A 28 -4.47 -1.50 5.31
C GLY A 28 -3.63 -2.74 5.14
N PRO A 29 -3.83 -3.47 4.02
CA PRO A 29 -3.17 -4.74 3.82
C PRO A 29 -1.66 -4.63 3.63
N MET A 30 -0.93 -5.67 4.00
CA MET A 30 0.51 -5.59 4.12
C MET A 30 1.10 -6.89 3.63
N LEU A 31 2.34 -6.87 3.20
CA LEU A 31 2.99 -8.09 2.77
C LEU A 31 3.83 -8.71 3.90
N ILE A 32 3.65 -10.00 4.16
CA ILE A 32 4.24 -10.58 5.34
C ILE A 32 5.07 -11.76 4.90
N GLU A 33 6.34 -11.80 5.25
CA GLU A 33 7.16 -12.92 4.77
C GLU A 33 8.05 -13.37 5.90
N PHE A 34 8.29 -14.67 5.98
CA PHE A 34 9.07 -15.20 7.09
C PHE A 34 10.36 -15.90 6.65
N ASN A 35 10.92 -15.53 5.50
CA ASN A 35 12.00 -16.30 4.90
C ASN A 35 13.37 -15.59 4.91
N MET A 36 13.44 -14.41 5.51
CA MET A 36 14.68 -13.66 5.64
C MET A 36 15.12 -13.59 7.11
N PRO A 37 16.41 -13.25 7.38
CA PRO A 37 16.88 -13.06 8.77
C PRO A 37 16.50 -11.71 9.33
N VAL A 38 16.41 -11.61 10.66
CA VAL A 38 15.97 -10.38 11.32
C VAL A 38 17.02 -10.01 12.34
N ASP A 39 17.37 -8.74 12.38
CA ASP A 39 18.35 -8.31 13.33
C ASP A 39 17.69 -7.27 14.22
N LEU A 40 17.51 -7.63 15.50
CA LEU A 40 16.71 -6.81 16.43
C LEU A 40 17.31 -5.43 16.69
N GLU A 41 18.65 -5.39 16.70
CA GLU A 41 19.35 -4.12 16.77
C GLU A 41 18.91 -3.17 15.68
N LEU A 42 18.77 -3.72 14.48
CA LEU A 42 18.30 -2.96 13.33
C LEU A 42 16.82 -2.57 13.48
N VAL A 43 16.00 -3.54 13.88
CA VAL A 43 14.60 -3.26 14.13
C VAL A 43 14.48 -2.13 15.13
N ALA A 44 15.33 -2.15 16.16
CA ALA A 44 15.35 -1.11 17.17
C ALA A 44 15.62 0.25 16.55
N LYS A 45 16.60 0.31 15.64
CA LYS A 45 16.89 1.52 14.87
C LYS A 45 15.79 1.95 13.90
N GLN A 46 15.15 0.99 13.24
CA GLN A 46 13.92 1.32 12.46
C GLN A 46 12.71 1.76 13.30
N ASN A 47 12.76 1.49 14.61
CA ASN A 47 11.64 1.86 15.48
C ASN A 47 12.07 2.77 16.62
N PRO A 48 12.74 3.89 16.30
CA PRO A 48 13.38 4.74 17.32
C PRO A 48 12.41 5.32 18.34
N ASN A 49 11.13 5.40 18.05
CA ASN A 49 10.29 5.96 19.11
C ASN A 49 9.87 4.93 20.15
N VAL A 50 10.29 3.68 19.96
CA VAL A 50 9.94 2.68 20.94
C VAL A 50 10.95 2.74 22.07
N LYS A 51 10.47 2.94 23.30
CA LYS A 51 11.35 3.16 24.45
C LYS A 51 11.72 1.89 25.19
N MET A 52 12.67 2.00 26.11
CA MET A 52 13.28 0.81 26.69
C MET A 52 12.17 -0.08 27.28
N GLY A 53 12.24 -1.38 27.05
CA GLY A 53 11.21 -2.28 27.55
C GLY A 53 10.04 -2.49 26.60
N GLY A 54 10.12 -1.87 25.41
CA GLY A 54 9.12 -2.02 24.36
C GLY A 54 7.89 -1.17 24.57
N ARG A 55 8.06 0.09 24.94
CA ARG A 55 6.93 0.91 25.35
C ARG A 55 6.84 2.06 24.38
N TYR A 56 5.62 2.49 24.06
CA TYR A 56 5.42 3.52 23.10
C TYR A 56 4.08 4.14 23.39
N ALA A 57 4.03 5.47 23.42
CA ALA A 57 2.77 6.18 23.31
C ALA A 57 2.97 7.26 22.24
N PRO A 58 1.90 7.70 21.55
CA PRO A 58 2.12 8.73 20.56
C PRO A 58 2.54 10.08 21.16
N ARG A 59 3.44 10.76 20.46
CA ARG A 59 3.88 12.11 20.80
C ARG A 59 2.80 13.16 20.71
N ASP A 60 1.85 13.01 19.78
CA ASP A 60 0.96 14.11 19.39
C ASP A 60 -0.45 14.05 19.90
N CYS A 61 -0.84 12.97 20.56
CA CYS A 61 -2.21 12.88 21.07
C CYS A 61 -2.24 11.78 22.13
N VAL A 62 -3.29 11.76 22.94
CA VAL A 62 -3.44 10.81 24.03
C VAL A 62 -4.32 9.63 23.55
N SER A 63 -3.75 8.44 23.44
CA SER A 63 -4.56 7.26 23.13
C SER A 63 -5.43 6.89 24.32
N PRO A 64 -6.73 6.69 24.09
CA PRO A 64 -7.52 6.05 25.14
C PRO A 64 -7.13 4.56 25.30
N HIS A 65 -6.30 4.01 24.42
CA HIS A 65 -6.01 2.58 24.52
C HIS A 65 -4.69 2.34 25.25
N LYS A 66 -4.79 1.90 26.50
CA LYS A 66 -3.63 1.54 27.34
C LYS A 66 -3.49 0.04 27.37
N VAL A 67 -2.64 -0.43 26.49
CA VAL A 67 -2.64 -1.81 26.05
C VAL A 67 -1.36 -2.51 26.47
N ALA A 68 -1.44 -3.52 27.31
CA ALA A 68 -0.29 -4.37 27.50
C ALA A 68 -0.41 -5.55 26.57
N ILE A 69 0.61 -5.83 25.77
CA ILE A 69 0.55 -6.99 24.88
C ILE A 69 1.35 -8.14 25.51
N ILE A 70 0.71 -9.30 25.64
CA ILE A 70 1.20 -10.39 26.46
C ILE A 70 1.43 -11.62 25.61
N ILE A 71 2.68 -12.08 25.59
CA ILE A 71 3.05 -13.19 24.74
C ILE A 71 3.51 -14.40 25.59
N PRO A 72 2.83 -15.53 25.47
CA PRO A 72 3.37 -16.69 26.21
C PRO A 72 4.50 -17.29 25.41
N PHE A 73 5.53 -17.75 26.10
CA PHE A 73 6.82 -17.98 25.47
C PHE A 73 7.67 -19.07 26.13
N ARG A 74 8.31 -19.90 25.32
CA ARG A 74 9.55 -20.58 25.70
C ARG A 74 10.20 -21.09 24.42
N ASN A 75 11.48 -20.75 24.19
CA ASN A 75 12.25 -21.37 23.09
C ASN A 75 11.63 -21.06 21.72
N ARG A 76 11.26 -19.81 21.49
CA ARG A 76 10.73 -19.38 20.20
C ARG A 76 11.37 -18.04 19.86
N GLN A 77 12.68 -17.92 20.07
CA GLN A 77 13.36 -16.65 19.84
C GLN A 77 13.24 -16.21 18.38
N GLU A 78 13.26 -17.18 17.47
CA GLU A 78 13.21 -16.83 16.06
C GLU A 78 11.84 -16.25 15.70
N HIS A 79 10.77 -16.96 16.05
CA HIS A 79 9.42 -16.43 15.85
C HIS A 79 9.29 -15.04 16.49
N LEU A 80 9.84 -14.87 17.68
CA LEU A 80 9.68 -13.60 18.39
C LEU A 80 10.28 -12.41 17.62
N LYS A 81 11.46 -12.61 17.03
CA LYS A 81 12.09 -11.56 16.23
C LYS A 81 11.18 -11.12 15.08
N TYR A 82 10.53 -12.09 14.41
CA TYR A 82 9.56 -11.75 13.37
C TYR A 82 8.37 -10.99 13.95
N TRP A 83 7.88 -11.46 15.10
CA TRP A 83 6.79 -10.79 15.76
C TRP A 83 7.12 -9.32 16.03
N LEU A 84 8.31 -9.08 16.55
CA LEU A 84 8.70 -7.72 16.94
C LEU A 84 8.90 -6.80 15.72
N TYR A 85 9.51 -7.36 14.69
CA TYR A 85 9.67 -6.72 13.38
C TYR A 85 8.33 -6.30 12.75
N TYR A 86 7.36 -7.20 12.72
CA TYR A 86 6.08 -6.83 12.10
C TYR A 86 5.11 -6.02 12.97
N LEU A 87 4.95 -6.41 14.23
CA LEU A 87 3.95 -5.78 15.11
C LEU A 87 4.31 -4.35 15.50
N HIS A 88 5.59 -4.09 15.75
CA HIS A 88 5.94 -2.82 16.35
C HIS A 88 5.52 -1.67 15.42
N PRO A 89 5.88 -1.71 14.11
CA PRO A 89 5.39 -0.60 13.28
C PRO A 89 3.85 -0.51 13.22
N VAL A 90 3.19 -1.66 13.31
CA VAL A 90 1.72 -1.66 13.23
C VAL A 90 1.10 -1.04 14.46
N LEU A 91 1.67 -1.35 15.62
CA LEU A 91 1.09 -0.87 16.86
C LEU A 91 1.26 0.64 16.99
N GLN A 92 2.36 1.20 16.48
CA GLN A 92 2.52 2.66 16.42
C GLN A 92 1.53 3.30 15.46
N ARG A 93 1.36 2.76 14.26
CA ARG A 93 0.31 3.31 13.36
C ARG A 93 -1.08 3.29 13.96
N GLN A 94 -1.34 2.30 14.82
CA GLN A 94 -2.63 2.26 15.51
C GLN A 94 -2.70 3.24 16.67
N GLN A 95 -1.61 3.96 16.97
CA GLN A 95 -1.72 5.10 17.89
C GLN A 95 -2.04 4.68 19.34
N LEU A 96 -1.55 3.51 19.73
CA LEU A 96 -1.83 2.88 21.00
C LEU A 96 -0.79 3.35 22.03
N ASP A 97 -1.18 3.40 23.29
CA ASP A 97 -0.23 3.57 24.39
C ASP A 97 0.09 2.15 24.91
N TYR A 98 1.15 1.50 24.43
CA TYR A 98 1.30 0.05 24.62
C TYR A 98 2.62 -0.37 25.23
N GLY A 99 2.72 -1.61 25.71
CA GLY A 99 4.02 -2.24 26.05
C GLY A 99 4.00 -3.72 25.73
N ILE A 100 5.16 -4.29 25.38
CA ILE A 100 5.23 -5.70 25.03
C ILE A 100 5.80 -6.46 26.22
N TYR A 101 5.14 -7.56 26.61
CA TYR A 101 5.57 -8.45 27.68
C TYR A 101 5.67 -9.89 27.13
N VAL A 102 6.86 -10.47 27.21
CA VAL A 102 7.10 -11.84 26.80
C VAL A 102 7.20 -12.63 28.08
N ILE A 103 6.33 -13.63 28.24
CA ILE A 103 6.28 -14.26 29.55
C ILE A 103 6.96 -15.59 29.36
N ASN A 104 8.22 -15.63 29.81
CA ASN A 104 9.10 -16.71 29.49
C ASN A 104 8.99 -17.79 30.59
N GLN A 105 8.59 -19.00 30.22
CA GLN A 105 8.45 -20.10 31.18
C GLN A 105 9.83 -20.68 31.55
N ALA A 106 10.29 -20.45 32.78
CA ALA A 106 11.49 -21.13 33.32
C ALA A 106 11.39 -22.64 33.27
N GLY A 107 12.54 -23.32 33.19
CA GLY A 107 12.60 -24.78 33.34
C GLY A 107 12.19 -25.49 32.07
N ASP A 108 12.13 -26.83 32.10
CA ASP A 108 11.77 -27.60 30.91
C ASP A 108 10.72 -28.64 31.22
N THR A 109 9.79 -28.30 32.12
CA THR A 109 8.63 -29.15 32.31
C THR A 109 7.46 -28.71 31.41
N ILE A 110 6.38 -29.49 31.41
CA ILE A 110 5.25 -29.27 30.50
C ILE A 110 4.74 -27.80 30.45
N PHE A 111 4.52 -27.30 29.25
CA PHE A 111 4.17 -25.88 29.04
C PHE A 111 2.77 -25.56 29.57
N ASN A 112 2.58 -24.34 30.02
CA ASN A 112 1.25 -23.90 30.47
C ASN A 112 0.90 -22.52 29.94
N ARG A 113 0.32 -22.51 28.73
CA ARG A 113 0.03 -21.26 28.00
C ARG A 113 -0.79 -20.26 28.81
N ALA A 114 -1.92 -20.74 29.34
CA ALA A 114 -2.86 -19.83 30.01
C ALA A 114 -2.34 -19.33 31.33
N LYS A 115 -1.54 -20.14 32.03
CA LYS A 115 -1.04 -19.65 33.31
C LYS A 115 -0.08 -18.49 33.06
N LEU A 116 0.68 -18.62 31.98
CA LEU A 116 1.67 -17.60 31.62
C LEU A 116 0.99 -16.27 31.29
N LEU A 117 -0.09 -16.36 30.51
CA LEU A 117 -1.00 -15.24 30.28
C LEU A 117 -1.46 -14.57 31.57
N ASN A 118 -1.96 -15.36 32.53
CA ASN A 118 -2.31 -14.77 33.84
C ASN A 118 -1.17 -14.03 34.50
N VAL A 119 0.01 -14.65 34.44
CA VAL A 119 1.20 -13.95 35.00
C VAL A 119 1.41 -12.61 34.32
N GLY A 120 1.31 -12.63 33.00
CA GLY A 120 1.54 -11.40 32.27
C GLY A 120 0.56 -10.30 32.63
N PHE A 121 -0.73 -10.64 32.76
CA PHE A 121 -1.72 -9.70 33.22
C PHE A 121 -1.30 -9.11 34.56
N GLN A 122 -0.99 -9.99 35.50
CA GLN A 122 -0.73 -9.49 36.86
C GLN A 122 0.60 -8.68 36.92
N GLU A 123 1.63 -9.14 36.23
CA GLU A 123 2.88 -8.39 36.27
C GLU A 123 2.81 -7.08 35.49
N ALA A 124 2.12 -7.07 34.35
CA ALA A 124 2.14 -5.83 33.58
C ALA A 124 1.47 -4.72 34.38
N LEU A 125 0.45 -5.05 35.19
CA LEU A 125 -0.23 -4.01 35.98
C LEU A 125 0.68 -3.32 36.99
N LYS A 126 1.80 -3.97 37.31
CA LYS A 126 2.74 -3.36 38.26
C LYS A 126 3.53 -2.28 37.56
N ASP A 127 3.64 -2.37 36.23
CA ASP A 127 4.40 -1.36 35.46
C ASP A 127 3.62 -0.08 35.29
N TYR A 128 2.31 -0.20 35.02
CA TYR A 128 1.60 0.92 34.46
C TYR A 128 0.11 0.60 34.51
N ASP A 129 -0.67 1.66 34.52
CA ASP A 129 -2.12 1.55 34.56
C ASP A 129 -2.70 1.07 33.23
N TYR A 130 -2.34 -0.15 32.80
CA TYR A 130 -2.94 -0.68 31.60
C TYR A 130 -4.41 -0.96 31.84
N THR A 131 -5.26 -0.75 30.84
CA THR A 131 -6.66 -1.07 31.02
C THR A 131 -7.15 -1.96 29.90
N CYS A 132 -6.23 -2.51 29.12
CA CYS A 132 -6.60 -3.35 27.99
C CYS A 132 -5.45 -4.35 27.83
N PHE A 133 -5.76 -5.61 27.56
CA PHE A 133 -4.75 -6.64 27.44
C PHE A 133 -4.91 -7.41 26.16
N VAL A 134 -3.86 -7.46 25.36
CA VAL A 134 -3.91 -8.27 24.16
C VAL A 134 -3.10 -9.53 24.44
N PHE A 135 -3.70 -10.70 24.29
CA PHE A 135 -2.98 -11.97 24.41
C PHE A 135 -2.69 -12.55 23.04
N SER A 136 -1.41 -12.65 22.70
CA SER A 136 -0.95 -13.02 21.36
C SER A 136 0.03 -14.18 21.41
N ASP A 137 -0.27 -15.28 20.74
CA ASP A 137 0.74 -16.30 20.50
C ASP A 137 1.92 -15.66 19.72
N VAL A 138 3.10 -16.27 19.80
CA VAL A 138 4.30 -15.62 19.29
C VAL A 138 4.40 -15.70 17.77
N ASP A 139 3.69 -16.65 17.18
CA ASP A 139 3.87 -16.98 15.79
C ASP A 139 2.72 -16.47 14.92
N LEU A 140 1.96 -15.45 15.35
CA LEU A 140 0.84 -14.94 14.56
C LEU A 140 1.05 -13.46 14.25
N ILE A 141 1.02 -13.14 12.96
CA ILE A 141 1.27 -11.79 12.45
C ILE A 141 0.05 -11.39 11.63
N PRO A 142 -0.51 -10.21 11.93
CA PRO A 142 -1.71 -9.74 11.27
C PRO A 142 -1.31 -9.19 9.90
N MET A 143 -2.16 -9.38 8.91
CA MET A 143 -1.85 -8.95 7.55
C MET A 143 -2.46 -7.62 7.21
N ASN A 144 -3.23 -7.06 8.12
CA ASN A 144 -3.92 -5.86 7.80
C ASN A 144 -3.97 -4.98 9.04
N ASP A 145 -3.33 -3.81 8.97
CA ASP A 145 -3.27 -2.97 10.15
C ASP A 145 -4.59 -2.33 10.54
N HIS A 146 -5.66 -2.61 9.80
CA HIS A 146 -6.96 -2.20 10.24
C HIS A 146 -7.50 -3.12 11.36
N ASN A 147 -6.77 -4.21 11.61
CA ASN A 147 -7.15 -5.17 12.63
C ASN A 147 -6.61 -4.69 13.98
N ALA A 148 -7.49 -4.13 14.80
CA ALA A 148 -7.11 -3.25 15.92
C ALA A 148 -6.69 -4.13 17.10
N TYR A 149 -5.55 -3.80 17.68
CA TYR A 149 -4.92 -4.63 18.71
C TYR A 149 -5.20 -3.88 19.97
N ARG A 150 -6.49 -3.71 20.26
CA ARG A 150 -6.91 -3.00 21.46
C ARG A 150 -8.29 -3.52 21.84
N CYS A 151 -8.85 -2.97 22.91
CA CYS A 151 -10.07 -3.53 23.50
C CYS A 151 -11.38 -2.89 22.99
N PHE A 152 -12.46 -3.65 23.05
CA PHE A 152 -13.78 -3.18 22.60
C PHE A 152 -14.74 -3.37 23.76
N SER A 153 -16.03 -3.13 23.59
CA SER A 153 -16.92 -3.27 24.74
C SER A 153 -17.31 -4.74 24.98
N GLN A 154 -16.96 -5.63 24.06
CA GLN A 154 -16.99 -7.07 24.28
C GLN A 154 -15.60 -7.64 24.01
N PRO A 155 -15.30 -8.81 24.58
CA PRO A 155 -14.01 -9.49 24.35
C PRO A 155 -13.82 -9.54 22.87
N ARG A 156 -12.57 -9.35 22.42
CA ARG A 156 -12.29 -9.20 21.00
C ARG A 156 -11.44 -10.38 20.54
N HIS A 157 -11.89 -11.07 19.51
CA HIS A 157 -11.07 -12.11 18.94
C HIS A 157 -10.46 -11.46 17.71
N ILE A 158 -9.14 -11.52 17.59
CA ILE A 158 -8.36 -10.72 16.62
C ILE A 158 -7.84 -11.55 15.44
N SER A 159 -7.35 -12.74 15.73
CA SER A 159 -6.79 -13.60 14.71
C SER A 159 -7.89 -14.43 14.10
N VAL A 160 -8.81 -13.77 13.42
CA VAL A 160 -10.01 -14.46 12.97
C VAL A 160 -9.89 -15.25 11.68
N ALA A 161 -8.91 -14.94 10.83
CA ALA A 161 -8.83 -15.57 9.51
C ALA A 161 -7.37 -15.93 9.22
N MET A 162 -6.95 -17.06 9.79
CA MET A 162 -5.57 -17.49 9.74
C MET A 162 -5.32 -18.33 8.52
N ASP A 163 -4.17 -18.12 7.90
CA ASP A 163 -3.79 -18.91 6.72
C ASP A 163 -3.88 -20.43 6.97
N LYS A 164 -3.44 -20.84 8.14
CA LYS A 164 -3.43 -22.27 8.47
C LYS A 164 -4.83 -22.88 8.66
N PHE A 165 -5.86 -22.06 8.84
CA PHE A 165 -7.23 -22.59 8.78
C PHE A 165 -7.93 -22.18 7.49
N GLY A 166 -7.16 -21.88 6.43
CA GLY A 166 -7.78 -21.51 5.15
C GLY A 166 -8.42 -20.11 5.17
N PHE A 167 -7.87 -19.21 5.97
CA PHE A 167 -8.41 -17.85 6.02
C PHE A 167 -9.88 -17.79 6.42
N SER A 168 -10.32 -18.69 7.30
CA SER A 168 -11.56 -18.47 8.04
C SER A 168 -11.47 -19.03 9.47
N LEU A 169 -12.56 -18.93 10.23
CA LEU A 169 -12.53 -19.47 11.58
C LEU A 169 -12.58 -20.98 11.44
N PRO A 170 -11.77 -21.71 12.21
CA PRO A 170 -11.92 -23.19 12.22
C PRO A 170 -13.27 -23.63 12.76
N TYR A 171 -13.84 -22.94 13.74
CA TYR A 171 -15.23 -23.17 14.18
C TYR A 171 -15.67 -21.82 14.74
N VAL A 172 -16.98 -21.59 14.89
CA VAL A 172 -17.43 -20.24 15.20
C VAL A 172 -17.14 -19.86 16.62
N GLN A 173 -16.99 -20.84 17.50
CA GLN A 173 -16.60 -20.45 18.89
C GLN A 173 -15.08 -20.41 19.13
N TYR A 174 -14.27 -20.57 18.10
CA TYR A 174 -12.83 -20.51 18.22
C TYR A 174 -12.40 -19.14 18.75
N PHE A 175 -11.55 -19.15 19.77
CA PHE A 175 -11.14 -17.93 20.43
C PHE A 175 -9.61 -17.98 20.68
N GLY A 176 -8.92 -18.89 20.00
CA GLY A 176 -7.46 -18.94 20.10
C GLY A 176 -6.67 -17.87 19.33
N GLY A 177 -5.38 -17.78 19.66
CA GLY A 177 -4.38 -17.16 18.82
C GLY A 177 -4.08 -15.76 19.33
N VAL A 178 -4.88 -14.81 18.89
CA VAL A 178 -4.72 -13.44 19.38
C VAL A 178 -6.08 -12.99 19.85
N SER A 179 -6.12 -12.36 21.04
CA SER A 179 -7.35 -11.78 21.51
C SER A 179 -7.10 -10.58 22.44
N ALA A 180 -8.12 -9.81 22.70
CA ALA A 180 -7.99 -8.67 23.57
C ALA A 180 -9.18 -8.63 24.52
N LEU A 181 -8.88 -8.48 25.82
CA LEU A 181 -9.89 -8.28 26.85
C LEU A 181 -9.58 -6.98 27.61
N SER A 182 -10.57 -6.17 27.89
CA SER A 182 -10.35 -5.01 28.76
C SER A 182 -10.02 -5.59 30.16
N LYS A 183 -9.49 -4.75 31.04
CA LYS A 183 -9.16 -5.15 32.40
C LYS A 183 -10.42 -5.67 33.08
N GLN A 184 -11.51 -4.93 32.88
CA GLN A 184 -12.76 -5.33 33.49
C GLN A 184 -13.28 -6.67 32.99
N GLN A 185 -13.20 -6.94 31.69
CA GLN A 185 -13.65 -8.24 31.18
C GLN A 185 -12.78 -9.36 31.77
N PHE A 186 -11.45 -9.16 31.81
CA PHE A 186 -10.53 -10.20 32.28
C PHE A 186 -10.85 -10.49 33.76
N LEU A 187 -11.09 -9.43 34.53
CA LEU A 187 -11.38 -9.64 35.93
C LEU A 187 -12.71 -10.35 36.14
N THR A 188 -13.67 -10.06 35.25
CA THR A 188 -15.04 -10.50 35.44
C THR A 188 -15.03 -12.03 35.30
N ILE A 189 -14.15 -12.58 34.47
CA ILE A 189 -14.09 -14.04 34.33
C ILE A 189 -13.04 -14.66 35.27
N ASN A 190 -12.51 -13.92 36.24
CA ASN A 190 -11.46 -14.51 37.13
C ASN A 190 -10.26 -14.95 36.28
N GLY A 191 -10.03 -14.23 35.18
CA GLY A 191 -8.87 -14.45 34.36
C GLY A 191 -8.92 -15.81 33.72
N PHE A 192 -7.75 -16.36 33.39
CA PHE A 192 -7.72 -17.59 32.62
C PHE A 192 -7.50 -18.77 33.53
N PRO A 193 -7.84 -20.00 33.09
CA PRO A 193 -7.58 -21.17 33.91
C PRO A 193 -6.05 -21.42 34.07
N ASN A 194 -5.65 -21.91 35.24
CA ASN A 194 -4.26 -22.26 35.56
C ASN A 194 -3.93 -23.73 35.30
N ASN A 195 -4.94 -24.58 35.16
CA ASN A 195 -4.62 -26.02 35.09
C ASN A 195 -4.74 -26.69 33.74
N TYR A 196 -4.58 -25.94 32.66
CA TYR A 196 -4.45 -26.55 31.35
C TYR A 196 -2.99 -26.73 30.97
N TRP A 197 -2.47 -27.95 31.17
CA TRP A 197 -1.04 -28.19 31.10
C TRP A 197 -0.83 -28.89 29.78
N GLY A 198 0.10 -28.40 28.95
CA GLY A 198 0.24 -29.00 27.63
C GLY A 198 -0.82 -28.44 26.67
N TRP A 199 -0.90 -29.00 25.46
CA TRP A 199 -1.57 -28.34 24.33
C TRP A 199 -3.07 -28.51 24.36
N GLY A 200 -3.75 -27.39 24.18
CA GLY A 200 -5.15 -27.43 23.72
C GLY A 200 -6.22 -27.16 24.76
N GLY A 201 -7.36 -26.62 24.29
CA GLY A 201 -8.55 -26.53 25.13
C GLY A 201 -8.64 -25.26 25.99
N GLU A 202 -7.51 -24.69 26.42
CA GLU A 202 -7.59 -23.60 27.38
C GLU A 202 -8.25 -22.40 26.72
N ASP A 203 -8.14 -22.30 25.40
CA ASP A 203 -8.77 -21.22 24.65
C ASP A 203 -10.29 -21.37 24.60
N ASP A 204 -10.74 -22.62 24.53
CA ASP A 204 -12.18 -22.91 24.58
C ASP A 204 -12.73 -22.64 25.96
N ASP A 205 -11.95 -23.00 26.98
CA ASP A 205 -12.33 -22.77 28.34
C ASP A 205 -12.55 -21.29 28.51
N ILE A 206 -11.65 -20.49 27.96
CA ILE A 206 -11.73 -19.02 28.11
C ILE A 206 -12.98 -18.53 27.35
N PHE A 207 -13.26 -19.12 26.20
CA PHE A 207 -14.51 -18.80 25.49
C PHE A 207 -15.72 -19.08 26.37
N ASN A 208 -15.80 -20.30 26.90
CA ASN A 208 -16.83 -20.64 27.90
C ASN A 208 -16.99 -19.59 29.01
N ARG A 209 -15.87 -19.17 29.60
CA ARG A 209 -15.88 -18.22 30.69
C ARG A 209 -16.55 -16.92 30.25
N LEU A 210 -16.20 -16.40 29.08
CA LEU A 210 -16.83 -15.19 28.61
C LEU A 210 -18.37 -15.36 28.47
N VAL A 211 -18.79 -16.50 27.94
CA VAL A 211 -20.20 -16.73 27.68
C VAL A 211 -20.93 -16.85 29.01
N PHE A 212 -20.31 -17.53 29.98
CA PHE A 212 -20.94 -17.70 31.28
C PHE A 212 -20.97 -16.41 32.05
N ARG A 213 -20.28 -15.36 31.62
CA ARG A 213 -20.46 -14.12 32.32
C ARG A 213 -21.18 -13.10 31.44
N GLY A 214 -21.96 -13.55 30.47
CA GLY A 214 -22.89 -12.61 29.84
C GLY A 214 -22.29 -11.90 28.62
N MET A 215 -21.17 -12.40 28.10
CA MET A 215 -20.48 -11.63 27.06
C MET A 215 -20.59 -12.33 25.73
N SER A 216 -20.29 -11.68 24.61
CA SER A 216 -20.17 -12.39 23.34
C SER A 216 -18.91 -11.89 22.61
N ILE A 217 -18.51 -12.57 21.56
CA ILE A 217 -17.23 -12.31 20.96
C ILE A 217 -17.42 -11.30 19.85
N SER A 218 -16.63 -10.22 19.91
CA SER A 218 -16.58 -9.21 18.85
C SER A 218 -15.38 -9.61 17.95
N ARG A 219 -15.52 -9.39 16.65
CA ARG A 219 -14.51 -9.77 15.67
C ARG A 219 -14.47 -8.76 14.53
N PRO A 220 -13.29 -8.49 13.95
CA PRO A 220 -13.28 -7.82 12.63
C PRO A 220 -13.79 -8.77 11.57
N ASN A 221 -14.11 -8.25 10.38
CA ASN A 221 -14.40 -9.12 9.24
C ASN A 221 -13.19 -9.94 8.80
N ALA A 222 -13.41 -10.94 7.96
CA ALA A 222 -12.41 -11.93 7.63
C ALA A 222 -11.32 -11.38 6.71
N VAL A 223 -11.54 -10.21 6.15
CA VAL A 223 -10.51 -9.73 5.24
C VAL A 223 -9.57 -8.92 6.14
N VAL A 224 -10.13 -8.05 6.97
CA VAL A 224 -9.28 -7.28 7.87
C VAL A 224 -8.59 -8.22 8.86
N GLY A 225 -9.25 -9.31 9.23
CA GLY A 225 -8.77 -10.21 10.28
C GLY A 225 -7.77 -11.24 9.79
N THR A 226 -7.37 -11.11 8.55
CA THR A 226 -6.41 -12.00 7.94
C THR A 226 -5.07 -12.00 8.69
N THR A 227 -4.57 -13.22 8.91
CA THR A 227 -3.45 -13.45 9.80
C THR A 227 -2.56 -14.58 9.28
N ARG A 228 -1.25 -14.37 9.37
CA ARG A 228 -0.31 -15.42 9.03
C ARG A 228 0.23 -16.11 10.26
N HIS A 229 0.37 -17.43 10.17
CA HIS A 229 0.97 -18.24 11.21
C HIS A 229 2.34 -18.70 10.72
N ILE A 230 3.41 -18.43 11.46
CA ILE A 230 4.71 -18.99 11.09
C ILE A 230 4.70 -20.53 11.22
N ARG A 231 4.84 -21.22 10.09
CA ARG A 231 4.91 -22.68 10.01
C ARG A 231 6.08 -23.11 10.89
N HIS A 232 5.86 -24.08 11.76
CA HIS A 232 6.90 -24.56 12.67
C HIS A 232 6.50 -25.97 13.05
N SER A 233 7.46 -26.77 13.49
CA SER A 233 7.19 -28.15 13.94
C SER A 233 6.78 -28.22 15.41
N ARG A 234 6.44 -29.41 15.89
CA ARG A 234 5.88 -29.57 17.23
C ARG A 234 6.93 -29.24 18.30
N ASP A 235 6.52 -28.50 19.32
CA ASP A 235 7.39 -28.21 20.47
C ASP A 235 7.45 -29.45 21.35
N LYS A 236 8.63 -29.76 21.89
CA LYS A 236 8.73 -30.75 22.96
C LYS A 236 8.12 -30.13 24.22
N LYS A 237 7.52 -30.94 25.08
CA LYS A 237 7.03 -30.48 26.39
C LYS A 237 5.74 -29.66 26.30
N ASN A 238 5.00 -29.85 25.22
CA ASN A 238 3.65 -29.31 25.08
C ASN A 238 2.75 -30.28 24.29
N GLU A 239 2.69 -31.53 24.78
CA GLU A 239 1.87 -32.61 24.21
C GLU A 239 0.39 -32.30 24.41
N PRO A 240 -0.44 -32.72 23.44
CA PRO A 240 -1.87 -32.60 23.67
C PRO A 240 -2.24 -33.08 25.08
N ASN A 241 -2.85 -32.19 25.86
CA ASN A 241 -3.42 -32.52 27.15
C ASN A 241 -4.66 -33.42 26.97
N PRO A 242 -4.58 -34.67 27.47
CA PRO A 242 -5.72 -35.60 27.25
C PRO A 242 -6.92 -35.30 28.17
N GLN A 243 -6.71 -34.55 29.25
CA GLN A 243 -7.80 -34.10 30.11
C GLN A 243 -8.52 -32.82 29.64
N ARG A 244 -8.13 -32.29 28.47
CA ARG A 244 -8.75 -31.06 27.94
C ARG A 244 -10.27 -31.15 27.71
N PHE A 245 -10.78 -32.27 27.19
CA PHE A 245 -12.21 -32.41 26.87
C PHE A 245 -13.09 -32.47 28.12
N ASP A 246 -12.63 -33.19 29.14
CA ASP A 246 -13.27 -33.08 30.45
C ASP A 246 -13.20 -31.68 31.04
N ARG A 247 -12.05 -31.03 30.91
CA ARG A 247 -11.93 -29.76 31.56
C ARG A 247 -12.90 -28.71 31.02
N ILE A 248 -13.08 -28.68 29.69
CA ILE A 248 -13.90 -27.65 29.06
C ILE A 248 -15.38 -27.87 29.37
N ALA A 249 -15.75 -29.14 29.57
CA ALA A 249 -17.12 -29.43 29.96
C ALA A 249 -17.49 -28.89 31.35
N HIS A 250 -16.53 -28.46 32.17
CA HIS A 250 -16.90 -28.07 33.55
C HIS A 250 -16.53 -26.63 33.88
N THR A 251 -16.22 -25.84 32.86
CA THR A 251 -15.72 -24.46 33.10
C THR A 251 -16.59 -23.67 34.04
N LYS A 252 -17.90 -23.81 33.91
CA LYS A 252 -18.77 -22.95 34.68
C LYS A 252 -18.50 -23.12 36.15
N GLU A 253 -18.32 -24.37 36.58
CA GLU A 253 -18.06 -24.60 37.99
C GLU A 253 -16.62 -24.19 38.31
N THR A 254 -15.66 -24.62 37.49
CA THR A 254 -14.28 -24.44 37.88
C THR A 254 -13.79 -22.99 37.85
N MET A 255 -14.35 -22.18 36.97
CA MET A 255 -13.88 -20.82 36.81
C MET A 255 -14.07 -20.04 38.07
N LEU A 256 -15.02 -20.47 38.89
CA LEU A 256 -15.30 -19.78 40.15
C LEU A 256 -14.06 -19.76 41.06
N SER A 257 -13.23 -20.78 41.02
CA SER A 257 -12.16 -20.83 42.00
C SER A 257 -10.81 -21.21 41.35
N ASP A 258 -10.75 -21.21 40.02
CA ASP A 258 -9.50 -21.42 39.32
C ASP A 258 -9.18 -20.32 38.34
N GLY A 259 -8.03 -19.68 38.53
CA GLY A 259 -7.74 -18.45 37.79
C GLY A 259 -7.01 -17.45 38.64
N LEU A 260 -7.31 -16.17 38.42
CA LEU A 260 -6.64 -15.11 39.13
C LEU A 260 -6.69 -15.41 40.62
N ASN A 261 -7.87 -15.80 41.10
CA ASN A 261 -8.05 -15.96 42.53
C ASN A 261 -7.38 -17.22 43.12
N SER A 262 -6.67 -18.01 42.32
CA SER A 262 -5.95 -19.20 42.79
C SER A 262 -4.52 -19.22 42.20
N LEU A 263 -4.02 -18.07 41.75
CA LEU A 263 -2.76 -18.01 41.04
C LEU A 263 -1.57 -17.72 42.01
N THR A 264 -0.51 -18.50 41.88
CA THR A 264 0.83 -18.11 42.38
C THR A 264 1.86 -18.49 41.33
N TYR A 265 3.03 -17.85 41.43
CA TYR A 265 4.15 -18.04 40.55
C TYR A 265 5.37 -17.34 41.19
N GLN A 266 6.56 -17.63 40.69
CA GLN A 266 7.71 -16.92 41.22
CA GLN A 266 7.76 -16.99 41.22
C GLN A 266 8.47 -16.29 40.06
N VAL A 267 8.54 -14.96 40.06
CA VAL A 267 9.31 -14.32 39.01
C VAL A 267 10.81 -14.53 39.28
N LEU A 268 11.53 -15.13 38.33
CA LEU A 268 13.00 -15.33 38.47
C LEU A 268 13.84 -14.16 37.96
N ASP A 269 13.39 -13.52 36.89
CA ASP A 269 14.17 -12.48 36.24
C ASP A 269 13.28 -11.56 35.38
N VAL A 270 13.48 -10.25 35.46
CA VAL A 270 12.89 -9.25 34.55
C VAL A 270 13.99 -8.54 33.74
N GLN A 271 13.98 -8.71 32.41
CA GLN A 271 14.95 -8.05 31.54
CA GLN A 271 14.95 -8.09 31.50
C GLN A 271 14.21 -7.04 30.68
N ARG A 272 14.64 -5.77 30.74
CA ARG A 272 14.09 -4.75 29.84
C ARG A 272 14.96 -4.68 28.61
N TYR A 273 14.51 -5.23 27.49
CA TYR A 273 15.23 -5.08 26.26
C TYR A 273 14.67 -3.88 25.52
N PRO A 274 15.39 -3.40 24.49
CA PRO A 274 14.88 -2.22 23.79
C PRO A 274 13.42 -2.45 23.30
N LEU A 275 13.13 -3.63 22.77
CA LEU A 275 11.86 -3.83 22.10
C LEU A 275 10.78 -4.56 22.93
N TYR A 276 11.15 -5.02 24.12
CA TYR A 276 10.24 -5.77 24.95
C TYR A 276 10.80 -6.02 26.32
N THR A 277 9.88 -6.23 27.25
CA THR A 277 10.18 -6.69 28.58
C THR A 277 10.00 -8.20 28.64
N GLN A 278 11.02 -8.92 29.09
CA GLN A 278 10.88 -10.38 29.21
C GLN A 278 10.83 -10.78 30.69
N ILE A 279 9.75 -11.44 31.08
CA ILE A 279 9.57 -11.85 32.45
C ILE A 279 9.78 -13.34 32.47
N THR A 280 10.85 -13.76 33.15
CA THR A 280 11.10 -15.19 33.30
C THR A 280 10.46 -15.66 34.59
N VAL A 281 9.64 -16.71 34.52
CA VAL A 281 8.81 -17.02 35.66
C VAL A 281 8.71 -18.52 35.89
N ASP A 282 8.72 -18.91 37.16
CA ASP A 282 8.55 -20.30 37.54
C ASP A 282 7.06 -20.45 37.83
N ILE A 283 6.38 -21.14 36.94
CA ILE A 283 4.93 -21.38 37.12
C ILE A 283 4.68 -22.80 37.62
N GLY A 284 5.76 -23.52 37.94
CA GLY A 284 5.59 -24.79 38.63
C GLY A 284 5.15 -25.88 37.71
N THR A 285 4.53 -26.90 38.29
CA THR A 285 4.13 -28.14 37.66
C THR A 285 2.77 -28.50 38.26
N PRO A 286 2.06 -29.46 37.63
CA PRO A 286 0.67 -29.74 37.99
C PRO A 286 0.49 -30.14 39.44
N SER A 287 -0.54 -29.58 40.07
CA SER A 287 -0.84 -29.93 41.43
C SER A 287 -2.16 -30.70 41.57
N SER B 15 -10.33 -32.61 3.98
CA SER B 15 -8.97 -32.00 3.79
C SER B 15 -9.16 -30.53 3.40
N LEU B 16 -8.43 -30.02 2.40
CA LEU B 16 -8.36 -28.54 2.16
C LEU B 16 -9.69 -27.83 1.83
N PRO B 17 -9.97 -26.66 2.47
CA PRO B 17 -11.17 -25.88 2.11
C PRO B 17 -11.05 -25.10 0.79
N ALA B 18 -12.16 -24.64 0.22
CA ALA B 18 -12.11 -23.76 -0.94
C ALA B 18 -11.56 -22.42 -0.47
N CYS B 19 -10.81 -21.76 -1.33
CA CYS B 19 -10.34 -20.42 -1.06
C CYS B 19 -11.55 -19.51 -0.93
N PRO B 20 -11.41 -18.37 -0.21
CA PRO B 20 -12.50 -17.43 -0.18
C PRO B 20 -12.73 -17.03 -1.61
N GLU B 21 -13.95 -16.61 -1.92
CA GLU B 21 -14.31 -16.30 -3.28
C GLU B 21 -13.53 -15.17 -3.89
N GLU B 22 -13.22 -14.15 -3.10
CA GLU B 22 -12.27 -13.17 -3.53
C GLU B 22 -11.10 -13.27 -2.56
N SER B 23 -9.89 -13.12 -3.08
CA SER B 23 -8.74 -13.22 -2.22
C SER B 23 -8.75 -12.12 -1.18
N PRO B 24 -8.46 -12.49 0.07
CA PRO B 24 -8.25 -11.53 1.14
C PRO B 24 -6.87 -10.92 1.12
N LEU B 25 -5.98 -11.43 0.27
CA LEU B 25 -4.58 -10.98 0.30
C LEU B 25 -4.26 -9.71 -0.51
N LEU B 26 -5.23 -9.22 -1.29
CA LEU B 26 -5.01 -8.15 -2.31
C LEU B 26 -4.69 -6.82 -1.67
N VAL B 27 -3.80 -6.05 -2.32
CA VAL B 27 -3.38 -4.74 -1.85
C VAL B 27 -3.85 -3.59 -2.72
N GLY B 28 -4.41 -3.92 -3.88
CA GLY B 28 -4.93 -2.92 -4.81
C GLY B 28 -3.86 -2.37 -5.73
N PRO B 29 -3.77 -1.02 -5.78
CA PRO B 29 -2.85 -0.27 -6.65
C PRO B 29 -1.42 -0.46 -6.27
N MET B 30 -0.52 -0.56 -7.24
CA MET B 30 0.83 -1.00 -7.00
C MET B 30 1.70 -0.06 -7.79
N LEU B 31 2.95 0.01 -7.40
CA LEU B 31 3.89 0.90 -8.07
C LEU B 31 4.61 0.08 -9.12
N ILE B 32 4.61 0.52 -10.38
CA ILE B 32 5.12 -0.30 -11.49
C ILE B 32 6.21 0.47 -12.23
N GLU B 33 7.42 -0.09 -12.32
CA GLU B 33 8.54 0.62 -12.94
CA GLU B 33 8.54 0.61 -12.94
C GLU B 33 9.40 -0.30 -13.82
N PHE B 34 9.89 0.26 -14.93
CA PHE B 34 10.74 -0.46 -15.86
C PHE B 34 12.13 0.13 -16.13
N ASN B 35 12.73 0.76 -15.13
CA ASN B 35 14.09 1.31 -15.29
C ASN B 35 15.20 0.63 -14.49
N MET B 36 14.93 -0.54 -13.92
CA MET B 36 15.96 -1.24 -13.16
C MET B 36 16.25 -2.55 -13.85
N PRO B 37 17.46 -3.07 -13.65
CA PRO B 37 17.69 -4.42 -14.18
C PRO B 37 16.86 -5.39 -13.37
N VAL B 38 16.59 -6.57 -13.93
CA VAL B 38 15.83 -7.59 -13.20
C VAL B 38 16.67 -8.83 -13.30
N ASP B 39 16.80 -9.55 -12.20
CA ASP B 39 17.55 -10.79 -12.18
C ASP B 39 16.58 -11.93 -11.85
N LEU B 40 16.34 -12.82 -12.81
CA LEU B 40 15.38 -13.92 -12.64
C LEU B 40 15.71 -14.97 -11.58
N GLU B 41 16.99 -15.15 -11.26
CA GLU B 41 17.38 -15.96 -10.10
C GLU B 41 16.90 -15.31 -8.83
N LEU B 42 17.00 -13.99 -8.77
CA LEU B 42 16.49 -13.29 -7.61
C LEU B 42 14.93 -13.24 -7.53
N VAL B 43 14.28 -13.09 -8.69
CA VAL B 43 12.83 -13.15 -8.71
C VAL B 43 12.41 -14.52 -8.19
N ALA B 44 13.11 -15.59 -8.58
CA ALA B 44 12.74 -16.92 -8.08
C ALA B 44 12.91 -17.00 -6.55
N LYS B 45 13.93 -16.33 -6.03
CA LYS B 45 14.18 -16.40 -4.59
C LYS B 45 13.13 -15.60 -3.82
N GLN B 46 12.58 -14.59 -4.47
CA GLN B 46 11.47 -13.84 -3.92
C GLN B 46 10.13 -14.54 -4.14
N ASN B 47 10.12 -15.56 -4.98
CA ASN B 47 8.92 -16.37 -5.20
C ASN B 47 9.11 -17.85 -4.92
N PRO B 48 9.43 -18.13 -3.63
CA PRO B 48 9.89 -19.45 -3.28
C PRO B 48 8.84 -20.49 -3.52
N ASN B 49 7.54 -20.10 -3.52
CA ASN B 49 6.50 -21.13 -3.63
C ASN B 49 6.15 -21.48 -5.05
N VAL B 50 6.69 -20.72 -5.99
CA VAL B 50 6.53 -21.04 -7.39
C VAL B 50 7.42 -22.20 -7.74
N LYS B 51 6.82 -23.23 -8.33
CA LYS B 51 7.50 -24.45 -8.68
C LYS B 51 7.97 -24.46 -10.13
N MET B 52 8.90 -25.37 -10.43
CA MET B 52 9.49 -25.53 -11.75
C MET B 52 8.45 -25.50 -12.87
N GLY B 53 8.76 -24.76 -13.93
CA GLY B 53 7.80 -24.57 -15.01
C GLY B 53 6.90 -23.36 -14.79
N GLY B 54 7.19 -22.62 -13.72
CA GLY B 54 6.33 -21.57 -13.22
C GLY B 54 4.90 -21.93 -12.83
N ARG B 55 4.77 -22.93 -11.96
CA ARG B 55 3.49 -23.50 -11.56
C ARG B 55 3.27 -23.14 -10.11
N TYR B 56 2.00 -22.88 -9.77
CA TYR B 56 1.74 -22.48 -8.39
C TYR B 56 0.31 -22.75 -8.02
N ALA B 57 0.11 -23.14 -6.77
CA ALA B 57 -1.26 -23.28 -6.26
C ALA B 57 -1.23 -23.03 -4.76
N PRO B 58 -2.27 -22.41 -4.21
CA PRO B 58 -2.11 -22.11 -2.78
C PRO B 58 -2.00 -23.39 -1.89
N ARG B 59 -1.24 -23.25 -0.83
CA ARG B 59 -0.97 -24.29 0.14
C ARG B 59 -2.16 -24.45 1.09
N ASP B 60 -2.82 -23.37 1.45
CA ASP B 60 -3.87 -23.40 2.46
C ASP B 60 -5.32 -23.64 2.04
N CYS B 61 -5.61 -23.70 0.74
CA CYS B 61 -6.99 -23.73 0.25
C CYS B 61 -6.99 -24.05 -1.23
N VAL B 62 -8.13 -24.50 -1.75
CA VAL B 62 -8.23 -25.03 -3.10
C VAL B 62 -8.82 -23.90 -3.94
N SER B 63 -8.17 -23.60 -5.06
CA SER B 63 -8.69 -22.58 -5.97
C SER B 63 -9.59 -23.21 -7.02
N PRO B 64 -10.73 -22.56 -7.32
CA PRO B 64 -11.54 -23.00 -8.49
C PRO B 64 -10.95 -22.45 -9.80
N HIS B 65 -10.03 -21.49 -9.70
CA HIS B 65 -9.37 -20.99 -10.91
C HIS B 65 -8.14 -21.78 -11.33
N LYS B 66 -8.32 -22.63 -12.35
CA LYS B 66 -7.21 -23.38 -12.98
C LYS B 66 -6.81 -22.78 -14.31
N VAL B 67 -5.72 -21.98 -14.23
CA VAL B 67 -5.43 -20.95 -15.21
C VAL B 67 -4.11 -21.20 -15.90
N ALA B 68 -4.11 -21.30 -17.23
CA ALA B 68 -2.84 -21.21 -18.01
C ALA B 68 -2.68 -19.77 -18.48
N ILE B 69 -1.56 -19.12 -18.13
CA ILE B 69 -1.26 -17.83 -18.70
C ILE B 69 -0.30 -18.00 -19.90
N ILE B 70 -0.75 -17.55 -21.07
CA ILE B 70 -0.13 -17.80 -22.33
C ILE B 70 0.40 -16.48 -22.91
N ILE B 71 1.67 -16.46 -23.28
CA ILE B 71 2.34 -15.21 -23.68
C ILE B 71 2.96 -15.44 -25.06
N PRO B 72 2.51 -14.71 -26.08
CA PRO B 72 3.10 -15.00 -27.40
C PRO B 72 4.43 -14.32 -27.44
N PHE B 73 5.42 -14.91 -28.11
CA PHE B 73 6.81 -14.42 -27.84
C PHE B 73 7.80 -14.62 -28.97
N ARG B 74 8.61 -13.58 -29.23
CA ARG B 74 9.89 -13.77 -29.89
C ARG B 74 10.76 -12.58 -29.58
N ASN B 75 12.00 -12.83 -29.11
CA ASN B 75 13.02 -11.77 -28.91
C ASN B 75 12.54 -10.64 -27.99
N ARG B 76 11.96 -11.00 -26.85
CA ARG B 76 11.48 -10.00 -25.89
C ARG B 76 11.90 -10.42 -24.48
N GLN B 77 13.12 -10.96 -24.34
CA GLN B 77 13.59 -11.45 -23.05
C GLN B 77 13.54 -10.38 -21.97
N GLU B 78 13.93 -9.17 -22.31
CA GLU B 78 13.94 -8.11 -21.30
C GLU B 78 12.53 -7.83 -20.79
N HIS B 79 11.54 -7.86 -21.69
CA HIS B 79 10.15 -7.62 -21.27
C HIS B 79 9.68 -8.75 -20.41
N LEU B 80 9.98 -9.97 -20.80
CA LEU B 80 9.51 -11.10 -20.04
C LEU B 80 10.09 -11.02 -18.62
N LYS B 81 11.32 -10.56 -18.45
CA LYS B 81 11.85 -10.55 -17.08
C LYS B 81 10.99 -9.61 -16.21
N TYR B 82 10.59 -8.48 -16.78
CA TYR B 82 9.72 -7.56 -16.05
C TYR B 82 8.36 -8.18 -15.80
N TRP B 83 7.83 -8.84 -16.84
CA TRP B 83 6.55 -9.50 -16.66
C TRP B 83 6.57 -10.52 -15.48
N LEU B 84 7.58 -11.38 -15.45
CA LEU B 84 7.63 -12.39 -14.40
C LEU B 84 7.81 -11.71 -13.04
N TYR B 85 8.65 -10.67 -13.01
CA TYR B 85 8.89 -9.93 -11.75
C TYR B 85 7.60 -9.35 -11.16
N TYR B 86 6.77 -8.78 -12.01
CA TYR B 86 5.54 -8.17 -11.57
C TYR B 86 4.41 -9.16 -11.36
N LEU B 87 4.17 -10.03 -12.33
CA LEU B 87 2.97 -10.85 -12.29
C LEU B 87 3.07 -11.97 -11.28
N HIS B 88 4.26 -12.53 -11.07
CA HIS B 88 4.23 -13.66 -10.15
C HIS B 88 3.66 -13.36 -8.77
N PRO B 89 4.08 -12.23 -8.15
CA PRO B 89 3.51 -11.97 -6.82
C PRO B 89 2.00 -11.72 -6.86
N VAL B 90 1.53 -11.14 -7.95
CA VAL B 90 0.10 -10.83 -8.12
C VAL B 90 -0.71 -12.11 -8.32
N LEU B 91 -0.22 -12.97 -9.17
CA LEU B 91 -1.03 -14.19 -9.41
C LEU B 91 -1.13 -15.02 -8.12
N GLN B 92 -0.09 -15.01 -7.28
CA GLN B 92 -0.15 -15.66 -5.97
C GLN B 92 -1.08 -14.95 -4.98
N ARG B 93 -0.98 -13.61 -4.87
CA ARG B 93 -1.97 -12.88 -4.09
C ARG B 93 -3.40 -13.19 -4.52
N GLN B 94 -3.62 -13.46 -5.82
CA GLN B 94 -4.99 -13.77 -6.30
C GLN B 94 -5.46 -15.21 -6.04
N GLN B 95 -4.61 -16.02 -5.42
CA GLN B 95 -5.01 -17.37 -5.00
C GLN B 95 -5.41 -18.31 -6.12
N LEU B 96 -4.65 -18.23 -7.22
CA LEU B 96 -4.91 -18.98 -8.43
C LEU B 96 -4.03 -20.24 -8.50
N ASP B 97 -4.55 -21.25 -9.17
CA ASP B 97 -3.79 -22.47 -9.43
C ASP B 97 -3.37 -22.26 -10.88
N TYR B 98 -2.13 -21.82 -11.08
CA TYR B 98 -1.74 -21.32 -12.38
C TYR B 98 -0.44 -21.88 -12.91
N GLY B 99 -0.28 -21.80 -14.25
CA GLY B 99 1.02 -21.99 -14.88
C GLY B 99 1.32 -20.94 -15.93
N ILE B 100 2.60 -20.61 -16.09
CA ILE B 100 3.02 -19.69 -17.10
C ILE B 100 3.61 -20.36 -18.30
N TYR B 101 3.17 -19.99 -19.51
CA TYR B 101 3.67 -20.58 -20.76
C TYR B 101 4.04 -19.48 -21.72
N VAL B 102 5.31 -19.45 -22.08
CA VAL B 102 5.84 -18.55 -23.10
C VAL B 102 5.92 -19.34 -24.40
N ILE B 103 5.19 -18.90 -25.43
CA ILE B 103 5.13 -19.54 -26.73
C ILE B 103 6.05 -18.77 -27.65
N ASN B 104 7.25 -19.31 -27.83
CA ASN B 104 8.33 -18.65 -28.52
C ASN B 104 8.28 -19.08 -29.99
N GLN B 105 8.06 -18.08 -30.84
CA GLN B 105 8.04 -18.33 -32.27
C GLN B 105 9.44 -18.59 -32.81
N ALA B 106 9.63 -19.76 -33.42
CA ALA B 106 10.89 -20.11 -34.05
C ALA B 106 11.11 -19.46 -35.40
N GLY B 107 12.37 -19.23 -35.74
CA GLY B 107 12.71 -18.69 -37.04
C GLY B 107 12.69 -17.17 -37.14
N ASP B 108 12.82 -16.70 -38.37
CA ASP B 108 13.02 -15.29 -38.66
C ASP B 108 12.00 -14.73 -39.68
N THR B 109 10.92 -15.45 -39.88
CA THR B 109 9.86 -14.95 -40.72
C THR B 109 8.77 -14.24 -39.89
N ILE B 110 7.73 -13.80 -40.58
CA ILE B 110 6.77 -12.85 -40.04
C ILE B 110 6.05 -13.45 -38.82
N PHE B 111 5.98 -12.65 -37.79
CA PHE B 111 5.27 -13.05 -36.55
C PHE B 111 3.79 -13.36 -36.73
N ASN B 112 3.30 -14.23 -35.88
CA ASN B 112 1.87 -14.54 -35.91
C ASN B 112 1.36 -14.73 -34.50
N ARG B 113 1.00 -13.62 -33.85
CA ARG B 113 0.49 -13.65 -32.50
C ARG B 113 -0.58 -14.66 -32.17
N ALA B 114 -1.67 -14.63 -32.93
CA ALA B 114 -2.86 -15.43 -32.61
C ALA B 114 -2.58 -16.94 -32.77
N LYS B 115 -1.83 -17.31 -33.78
CA LYS B 115 -1.42 -18.72 -33.91
C LYS B 115 -0.62 -19.22 -32.70
N LEU B 116 0.29 -18.36 -32.19
CA LEU B 116 1.10 -18.72 -31.03
C LEU B 116 0.14 -18.93 -29.83
N LEU B 117 -0.85 -18.05 -29.69
CA LEU B 117 -1.80 -18.25 -28.59
C LEU B 117 -2.53 -19.61 -28.71
N ASN B 118 -2.91 -20.00 -29.92
CA ASN B 118 -3.60 -21.28 -30.18
C ASN B 118 -2.71 -22.44 -29.71
N VAL B 119 -1.44 -22.37 -30.10
CA VAL B 119 -0.44 -23.29 -29.65
C VAL B 119 -0.42 -23.42 -28.12
N GLY B 120 -0.38 -22.28 -27.43
CA GLY B 120 -0.31 -22.26 -25.98
C GLY B 120 -1.50 -22.98 -25.39
N PHE B 121 -2.66 -22.75 -26.00
CA PHE B 121 -3.87 -23.34 -25.45
C PHE B 121 -3.73 -24.87 -25.55
N GLN B 122 -3.43 -25.37 -26.74
CA GLN B 122 -3.39 -26.83 -26.97
C GLN B 122 -2.22 -27.47 -26.19
N GLU B 123 -1.03 -26.88 -26.25
CA GLU B 123 0.11 -27.39 -25.47
C GLU B 123 -0.09 -27.39 -23.95
N ALA B 124 -0.60 -26.32 -23.37
CA ALA B 124 -0.77 -26.25 -21.93
C ALA B 124 -1.71 -27.31 -21.42
N LEU B 125 -2.76 -27.60 -22.17
CA LEU B 125 -3.69 -28.66 -21.74
C LEU B 125 -3.04 -30.07 -21.63
N LYS B 126 -1.87 -30.27 -22.25
CA LYS B 126 -1.09 -31.52 -22.10
C LYS B 126 -0.44 -31.67 -20.74
N ASP B 127 -0.25 -30.56 -20.02
CA ASP B 127 0.38 -30.58 -18.71
C ASP B 127 -0.64 -30.85 -17.62
N TYR B 128 -1.85 -30.31 -17.75
CA TYR B 128 -2.77 -30.16 -16.61
C TYR B 128 -4.15 -29.74 -17.08
N ASP B 129 -5.17 -30.01 -16.29
CA ASP B 129 -6.56 -29.87 -16.78
C ASP B 129 -6.99 -28.42 -16.50
N TYR B 130 -6.30 -27.48 -17.16
CA TYR B 130 -6.63 -26.04 -17.03
C TYR B 130 -8.07 -25.78 -17.52
N THR B 131 -8.86 -24.97 -16.84
CA THR B 131 -10.18 -24.67 -17.39
C THR B 131 -10.31 -23.17 -17.70
N CYS B 132 -9.20 -22.45 -17.60
CA CYS B 132 -9.24 -21.02 -17.85
C CYS B 132 -7.92 -20.59 -18.52
N PHE B 133 -8.01 -19.73 -19.53
CA PHE B 133 -6.80 -19.29 -20.26
C PHE B 133 -6.66 -17.78 -20.31
N VAL B 134 -5.57 -17.26 -19.77
CA VAL B 134 -5.25 -15.86 -19.92
C VAL B 134 -4.26 -15.72 -21.10
N PHE B 135 -4.57 -14.82 -22.04
CA PHE B 135 -3.67 -14.48 -23.12
C PHE B 135 -3.13 -13.09 -22.85
N SER B 136 -1.84 -12.99 -22.56
CA SER B 136 -1.25 -11.71 -22.15
C SER B 136 -0.07 -11.40 -23.04
N ASP B 137 -0.08 -10.23 -23.67
CA ASP B 137 1.09 -9.78 -24.35
C ASP B 137 2.19 -9.73 -23.31
N VAL B 138 3.45 -9.82 -23.73
CA VAL B 138 4.57 -9.91 -22.80
C VAL B 138 4.87 -8.52 -22.18
N ASP B 139 4.34 -7.45 -22.77
CA ASP B 139 4.75 -6.12 -22.34
C ASP B 139 3.68 -5.35 -21.57
N LEU B 140 2.69 -6.09 -21.06
CA LEU B 140 1.63 -5.45 -20.29
C LEU B 140 1.64 -5.93 -18.86
N ILE B 141 1.69 -4.96 -17.94
CA ILE B 141 1.72 -5.20 -16.50
C ILE B 141 0.53 -4.53 -15.84
N PRO B 142 -0.28 -5.29 -15.07
CA PRO B 142 -1.39 -4.61 -14.37
C PRO B 142 -0.95 -3.71 -13.18
N MET B 143 -1.68 -2.62 -12.94
CA MET B 143 -1.29 -1.67 -11.90
C MET B 143 -2.04 -1.92 -10.61
N ASN B 144 -3.07 -2.76 -10.65
CA ASN B 144 -3.91 -3.01 -9.50
C ASN B 144 -4.28 -4.52 -9.41
N ASP B 145 -4.06 -5.15 -8.26
CA ASP B 145 -4.20 -6.61 -8.17
C ASP B 145 -5.63 -7.01 -7.95
N HIS B 146 -6.54 -6.06 -7.87
CA HIS B 146 -7.94 -6.40 -7.94
C HIS B 146 -8.39 -6.80 -9.36
N ASN B 147 -7.49 -6.71 -10.34
CA ASN B 147 -7.85 -7.04 -11.71
C ASN B 147 -7.60 -8.54 -11.90
N ALA B 148 -8.64 -9.33 -11.78
CA ALA B 148 -8.49 -10.79 -11.63
C ALA B 148 -7.92 -11.37 -12.90
N TYR B 149 -6.81 -12.11 -12.82
CA TYR B 149 -6.28 -12.84 -13.99
C TYR B 149 -6.92 -14.23 -14.08
N ARG B 150 -8.25 -14.24 -14.31
CA ARG B 150 -8.97 -15.53 -14.48
C ARG B 150 -10.30 -15.27 -15.22
N CYS B 151 -11.12 -16.31 -15.35
CA CYS B 151 -12.19 -16.41 -16.33
C CYS B 151 -13.48 -16.04 -15.65
N PHE B 152 -14.44 -15.53 -16.44
CA PHE B 152 -15.73 -15.12 -15.91
C PHE B 152 -16.82 -15.76 -16.77
N SER B 153 -18.07 -15.44 -16.50
CA SER B 153 -19.09 -16.21 -17.20
C SER B 153 -19.16 -15.69 -18.62
N GLN B 154 -18.61 -14.51 -18.87
CA GLN B 154 -18.46 -14.05 -20.26
C GLN B 154 -16.97 -13.85 -20.49
N PRO B 155 -16.52 -13.90 -21.75
CA PRO B 155 -15.12 -13.62 -22.02
C PRO B 155 -14.66 -12.31 -21.37
N ARG B 156 -13.47 -12.34 -20.76
CA ARG B 156 -13.03 -11.22 -19.93
C ARG B 156 -11.95 -10.45 -20.66
N HIS B 157 -12.14 -9.15 -20.78
CA HIS B 157 -11.11 -8.27 -21.30
C HIS B 157 -10.39 -7.64 -20.11
N ILE B 158 -9.07 -7.83 -20.00
CA ILE B 158 -8.36 -7.52 -18.73
C ILE B 158 -7.63 -6.17 -18.80
N SER B 159 -6.96 -5.88 -19.93
CA SER B 159 -6.07 -4.73 -19.99
C SER B 159 -6.92 -3.54 -20.53
N VAL B 160 -7.84 -3.08 -19.69
CA VAL B 160 -8.92 -2.26 -20.16
C VAL B 160 -8.48 -0.80 -20.15
N ALA B 161 -7.52 -0.41 -19.30
CA ALA B 161 -7.11 1.03 -19.33
C ALA B 161 -5.60 1.14 -19.36
N MET B 162 -5.02 1.01 -20.54
CA MET B 162 -3.58 1.06 -20.74
C MET B 162 -3.09 2.49 -20.82
N ASP B 163 -1.96 2.74 -20.16
CA ASP B 163 -1.34 4.07 -20.19
C ASP B 163 -1.18 4.51 -21.63
N LYS B 164 -0.75 3.61 -22.48
CA LYS B 164 -0.45 4.04 -23.84
C LYS B 164 -1.69 4.36 -24.63
N PHE B 165 -2.85 4.11 -24.05
CA PHE B 165 -4.08 4.54 -24.67
C PHE B 165 -4.79 5.63 -23.84
N GLY B 166 -4.05 6.38 -23.03
CA GLY B 166 -4.66 7.44 -22.21
C GLY B 166 -5.44 6.91 -21.01
N PHE B 167 -5.09 5.72 -20.54
CA PHE B 167 -5.84 5.07 -19.43
C PHE B 167 -7.33 4.81 -19.69
N SER B 168 -7.68 4.62 -20.96
CA SER B 168 -9.02 4.14 -21.28
C SER B 168 -8.99 3.17 -22.45
N LEU B 169 -10.15 2.69 -22.87
CA LEU B 169 -10.21 1.88 -24.08
C LEU B 169 -9.91 2.71 -25.33
N PRO B 170 -9.08 2.20 -26.25
CA PRO B 170 -8.99 2.95 -27.51
C PRO B 170 -10.28 2.92 -28.36
N TYR B 171 -11.09 1.86 -28.23
CA TYR B 171 -12.41 1.86 -28.83
C TYR B 171 -13.20 0.81 -28.08
N VAL B 172 -14.53 0.91 -28.07
CA VAL B 172 -15.28 0.08 -27.14
C VAL B 172 -15.25 -1.41 -27.55
N GLN B 173 -14.85 -1.75 -28.78
CA GLN B 173 -14.77 -3.22 -29.11
C GLN B 173 -13.34 -3.78 -29.03
N TYR B 174 -12.44 -2.95 -28.50
CA TYR B 174 -11.04 -3.32 -28.40
C TYR B 174 -10.91 -4.53 -27.48
N PHE B 175 -10.31 -5.58 -28.00
CA PHE B 175 -10.17 -6.79 -27.21
C PHE B 175 -8.69 -7.26 -27.17
N GLY B 176 -7.75 -6.36 -27.44
CA GLY B 176 -6.31 -6.67 -27.41
C GLY B 176 -5.66 -6.66 -26.03
N GLY B 177 -4.41 -7.13 -25.97
CA GLY B 177 -3.53 -6.86 -24.82
C GLY B 177 -3.59 -8.04 -23.89
N VAL B 178 -4.55 -8.03 -22.94
CA VAL B 178 -4.68 -9.11 -21.99
C VAL B 178 -6.13 -9.50 -21.91
N SER B 179 -6.39 -10.80 -22.06
CA SER B 179 -7.76 -11.28 -21.96
C SER B 179 -7.85 -12.71 -21.37
N ALA B 180 -9.02 -13.10 -20.87
CA ALA B 180 -9.17 -14.44 -20.35
C ALA B 180 -10.43 -15.05 -20.96
N LEU B 181 -10.35 -16.31 -21.38
CA LEU B 181 -11.47 -17.08 -21.89
C LEU B 181 -11.48 -18.42 -21.17
N SER B 182 -12.63 -18.85 -20.64
CA SER B 182 -12.73 -20.22 -20.10
C SER B 182 -12.42 -21.16 -21.23
N LYS B 183 -12.10 -22.40 -20.89
CA LYS B 183 -11.95 -23.43 -21.90
C LYS B 183 -13.12 -23.44 -22.89
N GLN B 184 -14.35 -23.42 -22.36
CA GLN B 184 -15.55 -23.61 -23.18
C GLN B 184 -15.81 -22.42 -24.12
N GLN B 185 -15.61 -21.19 -23.63
CA GLN B 185 -15.54 -20.02 -24.47
C GLN B 185 -14.60 -20.17 -25.63
N PHE B 186 -13.37 -20.64 -25.40
CA PHE B 186 -12.39 -20.75 -26.47
C PHE B 186 -12.85 -21.81 -27.48
N LEU B 187 -13.28 -22.96 -26.98
CA LEU B 187 -13.73 -24.02 -27.87
C LEU B 187 -14.97 -23.55 -28.67
N THR B 188 -15.89 -22.80 -28.05
CA THR B 188 -17.10 -22.39 -28.78
C THR B 188 -16.80 -21.58 -30.02
N ILE B 189 -15.71 -20.80 -29.99
CA ILE B 189 -15.34 -19.99 -31.14
C ILE B 189 -14.30 -20.65 -32.04
N ASN B 190 -14.05 -21.94 -31.84
CA ASN B 190 -13.03 -22.62 -32.63
C ASN B 190 -11.66 -21.96 -32.47
N GLY B 191 -11.37 -21.45 -31.26
CA GLY B 191 -10.08 -20.84 -30.94
C GLY B 191 -9.87 -19.62 -31.79
N PHE B 192 -8.61 -19.31 -32.06
CA PHE B 192 -8.29 -18.05 -32.69
C PHE B 192 -7.90 -18.29 -34.14
N PRO B 193 -8.03 -17.25 -34.96
CA PRO B 193 -7.57 -17.37 -36.33
C PRO B 193 -6.04 -17.66 -36.46
N ASN B 194 -5.70 -18.45 -37.47
CA ASN B 194 -4.31 -18.81 -37.84
C ASN B 194 -3.67 -18.04 -38.96
N ASN B 195 -4.45 -17.27 -39.73
CA ASN B 195 -3.88 -16.60 -40.88
C ASN B 195 -3.75 -15.10 -40.74
N TYR B 196 -3.61 -14.62 -39.52
CA TYR B 196 -3.22 -13.21 -39.38
C TYR B 196 -1.72 -13.10 -39.21
N TRP B 197 -1.00 -12.80 -40.28
CA TRP B 197 0.46 -12.68 -40.23
C TRP B 197 0.86 -11.19 -40.12
N GLY B 198 1.76 -10.83 -39.22
CA GLY B 198 2.11 -9.40 -39.05
C GLY B 198 1.12 -8.70 -38.13
N TRP B 199 1.32 -7.40 -37.91
CA TRP B 199 0.66 -6.73 -36.80
C TRP B 199 -0.77 -6.37 -37.20
N GLY B 200 -1.74 -6.51 -36.29
CA GLY B 200 -3.05 -5.89 -36.52
C GLY B 200 -4.22 -6.80 -36.83
N GLY B 201 -5.36 -6.58 -36.18
CA GLY B 201 -6.62 -7.21 -36.58
C GLY B 201 -6.98 -8.56 -35.96
N GLU B 202 -5.98 -9.33 -35.52
CA GLU B 202 -6.27 -10.66 -35.01
C GLU B 202 -7.16 -10.54 -33.79
N ASP B 203 -6.98 -9.46 -33.06
CA ASP B 203 -7.71 -9.29 -31.78
C ASP B 203 -9.16 -8.85 -32.06
N ASP B 204 -9.35 -8.01 -33.08
CA ASP B 204 -10.68 -7.68 -33.59
C ASP B 204 -11.39 -8.95 -34.11
N ASP B 205 -10.62 -9.86 -34.69
CA ASP B 205 -11.23 -11.08 -35.30
C ASP B 205 -11.76 -11.89 -34.16
N ILE B 206 -11.00 -11.92 -33.06
CA ILE B 206 -11.39 -12.68 -31.87
C ILE B 206 -12.63 -12.10 -31.22
N PHE B 207 -12.67 -10.78 -31.06
CA PHE B 207 -13.89 -10.11 -30.61
C PHE B 207 -15.05 -10.55 -31.47
N ASN B 208 -14.90 -10.49 -32.80
CA ASN B 208 -16.03 -10.81 -33.70
C ASN B 208 -16.48 -12.27 -33.48
N ARG B 209 -15.55 -13.20 -33.33
CA ARG B 209 -15.93 -14.62 -33.18
C ARG B 209 -16.74 -14.71 -31.90
N LEU B 210 -16.34 -13.95 -30.87
CA LEU B 210 -17.06 -14.10 -29.59
C LEU B 210 -18.50 -13.59 -29.75
N VAL B 211 -18.63 -12.50 -30.47
CA VAL B 211 -19.93 -11.88 -30.62
C VAL B 211 -20.84 -12.72 -31.48
N PHE B 212 -20.28 -13.33 -32.52
CA PHE B 212 -21.02 -14.27 -33.36
C PHE B 212 -21.52 -15.53 -32.68
N ARG B 213 -20.87 -15.94 -31.60
CA ARG B 213 -21.36 -17.01 -30.75
C ARG B 213 -22.17 -16.48 -29.58
N GLY B 214 -22.62 -15.22 -29.62
CA GLY B 214 -23.67 -14.80 -28.70
C GLY B 214 -23.13 -14.42 -27.33
N MET B 215 -21.82 -14.24 -27.25
CA MET B 215 -21.20 -13.83 -26.00
C MET B 215 -21.05 -12.31 -26.02
N SER B 216 -20.63 -11.78 -24.90
CA SER B 216 -20.45 -10.36 -24.69
C SER B 216 -19.17 -10.19 -23.85
N ILE B 217 -18.65 -8.99 -23.72
CA ILE B 217 -17.32 -8.81 -23.16
C ILE B 217 -17.43 -8.24 -21.72
N SER B 218 -16.93 -8.99 -20.73
CA SER B 218 -16.88 -8.56 -19.32
C SER B 218 -15.59 -7.78 -19.05
N ARG B 219 -15.68 -6.66 -18.35
CA ARG B 219 -14.47 -5.85 -18.00
C ARG B 219 -14.52 -5.35 -16.54
N PRO B 220 -13.36 -5.25 -15.84
CA PRO B 220 -13.31 -4.49 -14.56
C PRO B 220 -13.48 -3.02 -14.92
N ASN B 221 -13.64 -2.16 -13.92
CA ASN B 221 -13.79 -0.74 -14.16
C ASN B 221 -12.40 -0.20 -14.55
N ALA B 222 -12.37 1.04 -15.01
CA ALA B 222 -11.16 1.64 -15.53
C ALA B 222 -10.07 1.86 -14.49
N VAL B 223 -10.44 1.89 -13.22
CA VAL B 223 -9.42 2.15 -12.22
C VAL B 223 -8.73 0.84 -11.90
N VAL B 224 -9.54 -0.19 -11.67
CA VAL B 224 -9.02 -1.48 -11.38
C VAL B 224 -8.22 -1.98 -12.61
N GLY B 225 -8.69 -1.64 -13.81
CA GLY B 225 -8.14 -2.18 -15.06
C GLY B 225 -6.94 -1.44 -15.62
N THR B 226 -6.43 -0.50 -14.84
CA THR B 226 -5.30 0.27 -15.28
C THR B 226 -4.08 -0.60 -15.52
N THR B 227 -3.41 -0.41 -16.67
CA THR B 227 -2.33 -1.29 -17.06
C THR B 227 -1.17 -0.50 -17.63
N ARG B 228 0.07 -0.89 -17.32
CA ARG B 228 1.25 -0.30 -17.93
C ARG B 228 1.77 -1.12 -19.10
N HIS B 229 2.07 -0.45 -20.19
CA HIS B 229 2.78 -1.03 -21.33
C HIS B 229 4.24 -0.63 -21.18
N ILE B 230 5.16 -1.58 -21.39
CA ILE B 230 6.58 -1.23 -21.43
C ILE B 230 6.93 -0.57 -22.76
N ARG B 231 7.28 0.72 -22.75
CA ARG B 231 7.66 1.38 -24.01
C ARG B 231 8.79 0.61 -24.66
N HIS B 232 8.69 0.44 -25.97
CA HIS B 232 9.72 -0.19 -26.74
C HIS B 232 9.62 0.33 -28.18
N SER B 233 10.71 0.22 -28.92
CA SER B 233 10.71 0.58 -30.35
C SER B 233 10.21 -0.62 -31.16
N ARG B 234 9.91 -0.45 -32.44
CA ARG B 234 9.21 -1.46 -33.23
C ARG B 234 10.00 -2.77 -33.33
N ASP B 235 9.30 -3.90 -33.43
CA ASP B 235 10.01 -5.16 -33.66
C ASP B 235 10.20 -5.25 -35.16
N LYS B 236 11.21 -5.98 -35.62
CA LYS B 236 11.24 -6.35 -37.03
C LYS B 236 10.29 -7.54 -37.23
N LYS B 237 9.84 -7.75 -38.46
CA LYS B 237 9.10 -8.98 -38.82
C LYS B 237 7.74 -9.10 -38.18
N ASN B 238 7.19 -7.94 -37.81
CA ASN B 238 5.78 -7.86 -37.46
C ASN B 238 5.17 -6.56 -38.08
N GLU B 239 5.44 -6.33 -39.37
CA GLU B 239 4.88 -5.18 -40.09
C GLU B 239 3.35 -5.21 -40.08
N PRO B 240 2.68 -4.03 -39.97
CA PRO B 240 1.23 -3.98 -40.16
C PRO B 240 0.81 -4.84 -41.35
N ASN B 241 -0.12 -5.71 -41.09
CA ASN B 241 -0.63 -6.62 -42.11
C ASN B 241 -1.63 -5.88 -43.00
N PRO B 242 -1.31 -5.68 -44.31
CA PRO B 242 -2.28 -4.95 -45.16
C PRO B 242 -3.57 -5.73 -45.37
N GLN B 243 -3.57 -7.05 -45.18
CA GLN B 243 -4.81 -7.81 -45.44
C GLN B 243 -5.74 -7.79 -44.22
N ARG B 244 -5.39 -7.08 -43.16
CA ARG B 244 -6.07 -7.31 -41.88
C ARG B 244 -7.54 -6.82 -41.91
N PHE B 245 -7.75 -5.71 -42.61
CA PHE B 245 -9.10 -5.16 -42.84
C PHE B 245 -9.97 -6.09 -43.64
N ASP B 246 -9.47 -6.69 -44.72
CA ASP B 246 -10.32 -7.70 -45.39
C ASP B 246 -10.61 -8.87 -44.48
N ARG B 247 -9.59 -9.35 -43.77
CA ARG B 247 -9.81 -10.48 -42.88
C ARG B 247 -10.82 -10.26 -41.74
N ILE B 248 -10.85 -9.08 -41.13
CA ILE B 248 -11.77 -8.95 -39.95
C ILE B 248 -13.22 -8.79 -40.41
N ALA B 249 -13.39 -8.33 -41.65
CA ALA B 249 -14.72 -8.16 -42.24
C ALA B 249 -15.24 -9.52 -42.69
N HIS B 250 -14.42 -10.57 -42.71
CA HIS B 250 -14.89 -11.95 -43.03
C HIS B 250 -14.95 -12.98 -41.92
N THR B 251 -14.86 -12.54 -40.67
CA THR B 251 -14.71 -13.50 -39.56
C THR B 251 -15.80 -14.57 -39.52
N LYS B 252 -17.03 -14.18 -39.81
CA LYS B 252 -18.13 -15.11 -39.65
C LYS B 252 -17.90 -16.29 -40.60
N GLU B 253 -17.38 -15.97 -41.78
CA GLU B 253 -17.25 -16.90 -42.89
C GLU B 253 -16.11 -17.86 -42.62
N THR B 254 -15.03 -17.36 -42.03
CA THR B 254 -13.79 -18.11 -41.87
C THR B 254 -13.68 -18.80 -40.50
N MET B 255 -14.32 -18.29 -39.46
CA MET B 255 -14.10 -18.85 -38.13
C MET B 255 -14.39 -20.35 -38.01
N LEU B 256 -15.32 -20.84 -38.81
CA LEU B 256 -15.76 -22.24 -38.72
C LEU B 256 -14.69 -23.22 -39.17
N SER B 257 -13.91 -22.83 -40.18
CA SER B 257 -12.91 -23.72 -40.71
C SER B 257 -11.47 -23.24 -40.48
N ASP B 258 -11.29 -22.12 -39.78
CA ASP B 258 -9.94 -21.64 -39.53
C ASP B 258 -9.77 -21.34 -38.03
N GLY B 259 -8.94 -22.14 -37.34
CA GLY B 259 -8.81 -22.00 -35.91
C GLY B 259 -8.24 -23.25 -35.31
N LEU B 260 -8.74 -23.63 -34.15
CA LEU B 260 -8.29 -24.84 -33.46
C LEU B 260 -8.40 -26.09 -34.36
N ASN B 261 -9.46 -26.16 -35.17
CA ASN B 261 -9.65 -27.37 -35.96
C ASN B 261 -8.75 -27.40 -37.18
N SER B 262 -8.04 -26.32 -37.48
CA SER B 262 -7.13 -26.37 -38.64
C SER B 262 -5.70 -26.06 -38.19
N LEU B 263 -5.50 -26.04 -36.88
CA LEU B 263 -4.21 -25.69 -36.32
C LEU B 263 -3.10 -26.70 -36.63
N THR B 264 -2.03 -26.24 -37.27
CA THR B 264 -0.83 -27.09 -37.38
C THR B 264 0.44 -26.35 -37.05
N TYR B 265 1.36 -27.08 -36.43
CA TYR B 265 2.69 -26.57 -36.07
C TYR B 265 3.65 -27.72 -35.70
N GLN B 266 4.93 -27.37 -35.53
CA GLN B 266 5.95 -28.28 -35.05
C GLN B 266 6.68 -27.67 -33.80
N VAL B 267 6.51 -28.30 -32.66
CA VAL B 267 7.23 -27.93 -31.46
C VAL B 267 8.70 -28.28 -31.64
N LEU B 268 9.62 -27.34 -31.45
CA LEU B 268 11.05 -27.67 -31.55
C LEU B 268 11.67 -28.00 -30.18
N ASP B 269 11.02 -27.58 -29.10
CA ASP B 269 11.67 -27.67 -27.79
C ASP B 269 10.67 -27.25 -26.73
N VAL B 270 10.70 -27.93 -25.60
CA VAL B 270 9.97 -27.51 -24.44
C VAL B 270 11.00 -27.36 -23.31
N GLN B 271 11.08 -26.18 -22.71
CA GLN B 271 12.05 -26.00 -21.63
C GLN B 271 11.35 -25.47 -20.39
N ARG B 272 11.50 -26.18 -19.27
CA ARG B 272 10.94 -25.78 -17.98
C ARG B 272 11.97 -24.91 -17.29
N TYR B 273 11.64 -23.68 -16.95
CA TYR B 273 12.53 -22.83 -16.18
C TYR B 273 11.85 -22.63 -14.83
N PRO B 274 12.58 -22.16 -13.81
CA PRO B 274 11.93 -22.00 -12.50
C PRO B 274 10.59 -21.22 -12.58
N LEU B 275 10.56 -20.20 -13.43
CA LEU B 275 9.43 -19.27 -13.44
C LEU B 275 8.50 -19.38 -14.66
N TYR B 276 8.83 -20.25 -15.61
CA TYR B 276 7.92 -20.40 -16.76
C TYR B 276 8.29 -21.62 -17.53
N THR B 277 7.32 -22.13 -18.31
CA THR B 277 7.59 -23.04 -19.40
C THR B 277 7.67 -22.30 -20.71
N GLN B 278 8.76 -22.51 -21.43
CA GLN B 278 8.90 -21.95 -22.76
C GLN B 278 8.78 -23.05 -23.82
N ILE B 279 7.83 -22.92 -24.74
CA ILE B 279 7.61 -23.86 -25.81
C ILE B 279 7.98 -23.08 -27.08
N THR B 280 9.04 -23.55 -27.76
CA THR B 280 9.49 -22.92 -28.98
C THR B 280 8.88 -23.69 -30.12
N VAL B 281 8.29 -22.97 -31.05
CA VAL B 281 7.46 -23.67 -32.04
C VAL B 281 7.60 -23.10 -33.45
N ASP B 282 7.56 -24.00 -34.44
CA ASP B 282 7.60 -23.55 -35.82
C ASP B 282 6.14 -23.43 -36.28
N ILE B 283 5.64 -22.21 -36.43
CA ILE B 283 4.24 -22.05 -36.80
C ILE B 283 4.05 -21.87 -38.29
N GLY B 284 5.14 -21.91 -39.07
CA GLY B 284 5.12 -21.85 -40.54
C GLY B 284 5.12 -20.43 -41.08
N THR B 285 4.71 -20.30 -42.35
CA THR B 285 4.81 -19.04 -43.06
C THR B 285 3.50 -18.76 -43.83
N PRO B 286 3.26 -17.49 -44.19
CA PRO B 286 2.11 -17.08 -44.98
C PRO B 286 2.16 -17.89 -46.26
N SER B 287 0.99 -18.26 -46.79
CA SER B 287 0.96 -18.72 -48.18
C SER B 287 1.29 -17.66 -49.25
N SER C 15 -2.92 12.73 -31.27
CA SER C 15 -2.25 13.41 -30.12
C SER C 15 -3.08 13.29 -28.80
N LEU C 16 -2.47 13.73 -27.70
CA LEU C 16 -2.77 13.19 -26.37
C LEU C 16 -4.18 13.52 -25.90
N PRO C 17 -4.91 12.52 -25.42
CA PRO C 17 -6.16 12.72 -24.69
C PRO C 17 -5.95 13.31 -23.32
N ALA C 18 -7.02 13.91 -22.80
CA ALA C 18 -7.02 14.45 -21.45
C ALA C 18 -6.84 13.28 -20.49
N CYS C 19 -6.14 13.53 -19.38
CA CYS C 19 -6.02 12.56 -18.31
C CYS C 19 -7.43 12.33 -17.71
N PRO C 20 -7.67 11.15 -17.11
CA PRO C 20 -8.89 10.93 -16.35
C PRO C 20 -9.07 12.06 -15.36
N GLU C 21 -10.32 12.41 -15.10
CA GLU C 21 -10.62 13.48 -14.14
C GLU C 21 -9.92 13.25 -12.81
N GLU C 22 -9.89 12.02 -12.34
CA GLU C 22 -9.19 11.70 -11.12
C GLU C 22 -8.17 10.64 -11.50
N SER C 23 -6.97 10.70 -10.97
CA SER C 23 -5.94 9.79 -11.38
C SER C 23 -6.28 8.33 -11.04
N PRO C 24 -5.95 7.37 -11.92
CA PRO C 24 -6.21 5.99 -11.52
C PRO C 24 -5.01 5.34 -10.83
N LEU C 25 -3.96 6.13 -10.59
CA LEU C 25 -2.65 5.65 -10.14
C LEU C 25 -2.47 5.78 -8.63
N LEU C 26 -3.41 6.45 -7.95
CA LEU C 26 -3.33 6.78 -6.53
C LEU C 26 -3.31 5.52 -5.67
N VAL C 27 -2.48 5.52 -4.62
CA VAL C 27 -2.43 4.39 -3.70
C VAL C 27 -2.98 4.71 -2.32
N GLY C 28 -3.32 5.97 -2.06
CA GLY C 28 -3.94 6.37 -0.80
C GLY C 28 -2.87 6.56 0.28
N PRO C 29 -3.14 6.07 1.51
CA PRO C 29 -2.27 6.33 2.69
C PRO C 29 -0.91 5.73 2.54
N MET C 30 0.13 6.39 3.02
CA MET C 30 1.50 5.96 2.77
C MET C 30 2.28 5.98 4.07
N LEU C 31 3.47 5.37 4.06
CA LEU C 31 4.33 5.35 5.24
C LEU C 31 5.34 6.47 5.12
N ILE C 32 5.37 7.34 6.10
CA ILE C 32 6.25 8.50 6.07
C ILE C 32 7.26 8.43 7.23
N GLU C 33 8.55 8.41 6.93
CA GLU C 33 9.58 8.32 8.00
C GLU C 33 10.67 9.39 7.80
N PHE C 34 11.19 9.96 8.88
CA PHE C 34 12.25 11.00 8.78
C PHE C 34 13.60 10.66 9.46
N ASN C 35 13.84 9.40 9.76
CA ASN C 35 15.05 9.05 10.51
C ASN C 35 16.13 8.42 9.62
N MET C 36 16.07 8.66 8.31
CA MET C 36 17.08 8.07 7.43
C MET C 36 17.71 9.14 6.54
N PRO C 37 18.96 8.91 6.08
CA PRO C 37 19.54 9.93 5.21
C PRO C 37 19.00 9.79 3.77
N VAL C 38 18.82 10.93 3.13
CA VAL C 38 18.30 10.97 1.77
C VAL C 38 19.42 11.38 0.84
N ASP C 39 19.65 10.59 -0.21
CA ASP C 39 20.58 10.94 -1.28
C ASP C 39 19.92 11.40 -2.60
N LEU C 40 20.01 12.71 -2.86
CA LEU C 40 19.27 13.32 -3.95
C LEU C 40 19.68 12.78 -5.30
N GLU C 41 20.89 12.25 -5.42
CA GLU C 41 21.25 11.66 -6.69
C GLU C 41 20.45 10.37 -6.89
N LEU C 42 20.09 9.74 -5.78
CA LEU C 42 19.35 8.50 -5.85
C LEU C 42 17.85 8.83 -6.02
N VAL C 43 17.38 9.90 -5.36
CA VAL C 43 16.00 10.33 -5.60
C VAL C 43 15.73 10.60 -7.08
N ALA C 44 16.71 11.17 -7.79
CA ALA C 44 16.57 11.41 -9.23
C ALA C 44 16.60 10.14 -10.07
N LYS C 45 17.47 9.20 -9.69
CA LYS C 45 17.46 7.90 -10.38
C LYS C 45 16.15 7.18 -10.09
N GLN C 46 15.59 7.38 -8.91
CA GLN C 46 14.25 6.85 -8.63
C GLN C 46 13.10 7.53 -9.39
N ASN C 47 13.34 8.76 -9.85
CA ASN C 47 12.30 9.55 -10.46
C ASN C 47 12.76 10.01 -11.82
N PRO C 48 13.03 9.06 -12.71
CA PRO C 48 13.76 9.45 -13.89
C PRO C 48 12.95 10.32 -14.84
N ASN C 49 11.63 10.39 -14.67
CA ASN C 49 10.82 11.24 -15.55
C ASN C 49 10.75 12.70 -15.10
N VAL C 50 11.25 13.00 -13.91
CA VAL C 50 11.40 14.41 -13.51
C VAL C 50 12.53 15.04 -14.33
N LYS C 51 12.18 16.06 -15.12
CA LYS C 51 13.13 16.76 -15.99
C LYS C 51 13.90 17.87 -15.24
N MET C 52 15.03 18.30 -15.81
CA MET C 52 15.89 19.30 -15.14
C MET C 52 15.12 20.52 -14.64
N GLY C 53 15.41 20.95 -13.42
CA GLY C 53 14.61 21.97 -12.75
C GLY C 53 13.37 21.47 -12.04
N GLY C 54 13.19 20.13 -11.94
CA GLY C 54 12.04 19.57 -11.24
C GLY C 54 10.73 19.76 -11.96
N ARG C 55 10.70 19.47 -13.27
CA ARG C 55 9.48 19.67 -14.07
C ARG C 55 8.99 18.31 -14.47
N TYR C 56 7.66 18.11 -14.42
CA TYR C 56 7.07 16.84 -14.89
C TYR C 56 5.71 17.02 -15.56
N ALA C 57 5.43 16.25 -16.60
CA ALA C 57 4.06 16.18 -17.09
C ALA C 57 3.85 14.75 -17.59
N PRO C 58 2.62 14.21 -17.47
CA PRO C 58 2.39 12.86 -17.98
C PRO C 58 2.74 12.70 -19.45
N ARG C 59 3.43 11.62 -19.75
CA ARG C 59 3.65 11.26 -21.12
C ARG C 59 2.37 10.87 -21.86
N ASP C 60 1.40 10.28 -21.17
CA ASP C 60 0.33 9.61 -21.95
C ASP C 60 -0.99 10.41 -22.06
N CYS C 61 -1.05 11.57 -21.42
CA CYS C 61 -2.30 12.29 -21.40
C CYS C 61 -2.02 13.71 -20.94
N VAL C 62 -2.94 14.63 -21.24
CA VAL C 62 -2.80 16.04 -20.99
C VAL C 62 -3.49 16.26 -19.65
N SER C 63 -2.76 16.78 -18.68
CA SER C 63 -3.34 17.13 -17.40
C SER C 63 -3.88 18.58 -17.49
N PRO C 64 -5.07 18.85 -16.92
CA PRO C 64 -5.62 20.21 -16.83
C PRO C 64 -5.00 21.01 -15.70
N HIS C 65 -4.22 20.34 -14.85
CA HIS C 65 -3.61 21.01 -13.73
C HIS C 65 -2.21 21.37 -14.08
N LYS C 66 -1.94 22.67 -14.14
CA LYS C 66 -0.62 23.14 -14.49
C LYS C 66 -0.21 23.93 -13.24
N VAL C 67 0.69 23.37 -12.43
CA VAL C 67 0.75 23.68 -11.02
C VAL C 67 2.17 24.03 -10.72
N ALA C 68 2.39 25.25 -10.23
CA ALA C 68 3.71 25.60 -9.75
C ALA C 68 3.67 25.36 -8.26
N ILE C 69 4.63 24.58 -7.79
CA ILE C 69 4.69 24.35 -6.36
C ILE C 69 5.79 25.19 -5.77
N ILE C 70 5.40 25.99 -4.79
CA ILE C 70 6.27 27.05 -4.38
C ILE C 70 6.60 26.92 -2.90
N ILE C 71 7.89 26.78 -2.63
CA ILE C 71 8.40 26.58 -1.28
C ILE C 71 9.23 27.78 -0.78
N PRO C 72 8.76 28.43 0.29
CA PRO C 72 9.56 29.49 0.91
C PRO C 72 10.70 28.85 1.67
N PHE C 73 11.91 29.39 1.56
CA PHE C 73 13.09 28.69 1.99
C PHE C 73 14.25 29.59 2.46
N ARG C 74 14.95 29.17 3.52
CA ARG C 74 16.34 29.54 3.78
C ARG C 74 16.93 28.56 4.78
N ASN C 75 18.11 28.02 4.46
CA ASN C 75 18.77 27.10 5.38
C ASN C 75 17.85 26.02 5.99
N ARG C 76 17.21 25.20 5.14
CA ARG C 76 16.44 24.02 5.56
C ARG C 76 16.72 22.90 4.55
N GLN C 77 17.99 22.73 4.22
CA GLN C 77 18.32 21.83 3.15
C GLN C 77 17.89 20.41 3.50
N GLU C 78 17.96 20.08 4.78
CA GLU C 78 17.81 18.71 5.17
C GLU C 78 16.32 18.39 5.04
N HIS C 79 15.48 19.34 5.42
CA HIS C 79 14.05 19.24 5.18
C HIS C 79 13.69 19.10 3.72
N LEU C 80 14.25 19.96 2.88
CA LEU C 80 14.03 19.88 1.45
C LEU C 80 14.36 18.49 0.86
N LYS C 81 15.33 17.82 1.43
CA LYS C 81 15.68 16.54 0.88
C LYS C 81 14.55 15.53 1.12
N TYR C 82 13.89 15.60 2.28
CA TYR C 82 12.74 14.76 2.56
C TYR C 82 11.54 15.23 1.75
N TRP C 83 11.37 16.54 1.61
CA TRP C 83 10.21 17.04 0.89
C TRP C 83 10.23 16.45 -0.50
N LEU C 84 11.39 16.47 -1.14
CA LEU C 84 11.47 16.11 -2.52
C LEU C 84 11.33 14.59 -2.67
N TYR C 85 11.85 13.85 -1.70
CA TYR C 85 11.89 12.39 -1.74
C TYR C 85 10.47 11.88 -1.74
N TYR C 86 9.63 12.52 -0.91
CA TYR C 86 8.25 12.19 -0.75
C TYR C 86 7.30 12.85 -1.75
N LEU C 87 7.44 14.16 -2.01
CA LEU C 87 6.47 14.81 -2.91
C LEU C 87 6.55 14.36 -4.38
N HIS C 88 7.74 14.18 -4.90
CA HIS C 88 7.84 13.85 -6.28
C HIS C 88 7.06 12.60 -6.70
N PRO C 89 7.12 11.47 -5.92
CA PRO C 89 6.34 10.32 -6.39
C PRO C 89 4.87 10.60 -6.32
N VAL C 90 4.44 11.35 -5.33
CA VAL C 90 3.04 11.68 -5.14
C VAL C 90 2.48 12.55 -6.26
N LEU C 91 3.16 13.67 -6.52
CA LEU C 91 2.78 14.56 -7.62
C LEU C 91 2.72 13.88 -8.98
N GLN C 92 3.64 12.98 -9.28
CA GLN C 92 3.56 12.24 -10.53
C GLN C 92 2.33 11.34 -10.53
N ARG C 93 2.00 10.74 -9.38
CA ARG C 93 0.92 9.75 -9.35
C ARG C 93 -0.38 10.52 -9.55
N GLN C 94 -0.36 11.80 -9.17
CA GLN C 94 -1.50 12.72 -9.30
C GLN C 94 -1.69 13.26 -10.72
N GLN C 95 -0.78 12.84 -11.61
CA GLN C 95 -0.83 13.19 -13.02
C GLN C 95 -0.84 14.72 -13.26
N LEU C 96 0.00 15.47 -12.56
CA LEU C 96 0.07 16.91 -12.66
C LEU C 96 1.11 17.37 -13.68
N ASP C 97 0.87 18.54 -14.28
CA ASP C 97 1.87 19.20 -15.10
C ASP C 97 2.45 20.22 -14.13
N TYR C 98 3.57 19.87 -13.50
CA TYR C 98 4.04 20.66 -12.38
C TYR C 98 5.54 21.02 -12.41
N GLY C 99 5.91 22.00 -11.59
CA GLY C 99 7.29 22.42 -11.47
C GLY C 99 7.51 22.80 -10.02
N ILE C 100 8.70 22.51 -9.52
CA ILE C 100 9.02 22.78 -8.11
C ILE C 100 9.92 24.05 -8.06
N TYR C 101 9.52 25.04 -7.27
CA TYR C 101 10.29 26.29 -7.05
C TYR C 101 10.61 26.53 -5.58
N VAL C 102 11.86 26.36 -5.21
CA VAL C 102 12.33 26.65 -3.88
C VAL C 102 12.73 28.15 -3.83
N ILE C 103 11.99 28.96 -3.10
CA ILE C 103 12.33 30.39 -3.04
C ILE C 103 13.28 30.71 -1.89
N ASN C 104 14.55 30.83 -2.22
CA ASN C 104 15.58 30.99 -1.21
C ASN C 104 15.87 32.46 -0.87
N GLN C 105 15.65 32.87 0.40
CA GLN C 105 15.96 34.24 0.87
C GLN C 105 17.45 34.54 0.93
N ALA C 106 17.89 35.46 0.07
CA ALA C 106 19.29 35.91 0.10
C ALA C 106 19.58 36.56 1.43
N GLY C 107 20.81 36.41 1.90
CA GLY C 107 21.31 37.13 3.07
C GLY C 107 20.74 36.63 4.39
N ASP C 108 21.07 37.33 5.48
CA ASP C 108 20.85 36.85 6.84
C ASP C 108 20.02 37.77 7.69
N THR C 109 19.18 38.57 7.04
CA THR C 109 18.22 39.36 7.82
C THR C 109 16.85 38.65 7.94
N ILE C 110 15.90 39.34 8.56
CA ILE C 110 14.71 38.70 9.05
C ILE C 110 13.84 38.07 7.94
N PHE C 111 13.37 36.83 8.18
CA PHE C 111 12.59 36.06 7.22
C PHE C 111 11.26 36.71 6.87
N ASN C 112 10.84 36.52 5.63
CA ASN C 112 9.55 37.05 5.24
C ASN C 112 8.82 36.05 4.35
N ARG C 113 8.11 35.11 4.96
CA ARG C 113 7.48 33.98 4.25
C ARG C 113 6.61 34.41 3.07
N ALA C 114 5.62 35.26 3.35
CA ALA C 114 4.61 35.66 2.36
C ALA C 114 5.22 36.32 1.11
N LYS C 115 6.36 36.98 1.31
CA LYS C 115 6.99 37.70 0.22
C LYS C 115 7.70 36.73 -0.70
N LEU C 116 8.41 35.75 -0.14
CA LEU C 116 8.99 34.66 -0.92
C LEU C 116 7.89 33.99 -1.74
N LEU C 117 6.75 33.75 -1.10
CA LEU C 117 5.61 33.19 -1.82
C LEU C 117 5.23 34.04 -3.02
N ASN C 118 5.14 35.35 -2.81
CA ASN C 118 4.81 36.28 -3.91
C ASN C 118 5.87 36.25 -5.01
N VAL C 119 7.12 36.20 -4.63
CA VAL C 119 8.16 36.11 -5.63
C VAL C 119 7.95 34.81 -6.43
N GLY C 120 7.59 33.72 -5.75
CA GLY C 120 7.50 32.39 -6.40
C GLY C 120 6.47 32.47 -7.51
N PHE C 121 5.29 32.99 -7.16
CA PHE C 121 4.21 33.20 -8.11
C PHE C 121 4.72 33.89 -9.38
N GLN C 122 5.47 34.99 -9.18
CA GLN C 122 5.83 35.87 -10.29
C GLN C 122 6.87 35.25 -11.19
N GLU C 123 7.90 34.65 -10.60
CA GLU C 123 8.95 34.02 -11.37
C GLU C 123 8.49 32.70 -12.04
N ALA C 124 7.65 31.91 -11.38
CA ALA C 124 7.25 30.66 -11.98
C ALA C 124 6.48 30.96 -13.24
N LEU C 125 5.66 32.01 -13.19
CA LEU C 125 4.93 32.41 -14.40
C LEU C 125 5.82 32.78 -15.59
N LYS C 126 7.09 33.07 -15.35
CA LYS C 126 8.02 33.39 -16.44
C LYS C 126 8.61 32.14 -17.07
N ASP C 127 8.58 31.01 -16.37
CA ASP C 127 8.94 29.73 -16.99
C ASP C 127 7.83 29.22 -17.88
N TYR C 128 6.60 29.33 -17.42
CA TYR C 128 5.54 28.53 -18.03
C TYR C 128 4.22 29.13 -17.63
N ASP C 129 3.21 28.84 -18.44
CA ASP C 129 1.87 29.32 -18.19
C ASP C 129 1.12 28.49 -17.10
N TYR C 130 1.63 28.48 -15.86
CA TYR C 130 0.92 27.83 -14.78
C TYR C 130 -0.38 28.55 -14.45
N THR C 131 -1.42 27.79 -14.08
CA THR C 131 -2.71 28.35 -13.77
C THR C 131 -3.12 27.99 -12.33
N CYS C 132 -2.19 27.40 -11.61
CA CYS C 132 -2.47 26.86 -10.28
C CYS C 132 -1.20 26.94 -9.48
N PHE C 133 -1.30 27.39 -8.23
CA PHE C 133 -0.12 27.57 -7.37
C PHE C 133 -0.31 26.91 -6.01
N VAL C 134 0.58 25.98 -5.67
CA VAL C 134 0.47 25.30 -4.39
C VAL C 134 1.58 25.95 -3.60
N PHE C 135 1.22 26.51 -2.46
CA PHE C 135 2.18 27.12 -1.57
C PHE C 135 2.45 26.20 -0.39
N SER C 136 3.67 25.72 -0.25
CA SER C 136 3.92 24.69 0.76
C SER C 136 5.14 24.96 1.61
N ASP C 137 5.01 24.91 2.94
CA ASP C 137 6.16 24.92 3.82
C ASP C 137 7.02 23.72 3.48
N VAL C 138 8.31 23.80 3.77
CA VAL C 138 9.25 22.82 3.27
C VAL C 138 9.26 21.59 4.20
N ASP C 139 8.59 21.70 5.33
CA ASP C 139 8.73 20.67 6.34
C ASP C 139 7.38 19.96 6.52
N LEU C 140 6.45 20.12 5.56
CA LEU C 140 5.16 19.41 5.59
C LEU C 140 4.97 18.35 4.51
N ILE C 141 4.65 17.13 4.91
CA ILE C 141 4.58 15.97 4.00
C ILE C 141 3.19 15.30 4.09
N PRO C 142 2.47 15.17 2.96
CA PRO C 142 1.14 14.56 3.08
C PRO C 142 1.25 13.03 3.19
N MET C 143 0.35 12.37 3.90
CA MET C 143 0.45 10.92 4.12
C MET C 143 -0.47 10.15 3.18
N ASN C 144 -1.29 10.91 2.45
CA ASN C 144 -2.33 10.32 1.59
C ASN C 144 -2.40 11.05 0.24
N ASP C 145 -1.95 10.34 -0.80
CA ASP C 145 -2.00 10.89 -2.14
C ASP C 145 -3.35 11.19 -2.71
N HIS C 146 -4.47 10.95 -2.02
CA HIS C 146 -5.77 11.43 -2.52
C HIS C 146 -5.89 12.93 -2.16
N ASN C 147 -4.91 13.47 -1.45
CA ASN C 147 -4.96 14.91 -1.03
C ASN C 147 -4.41 15.72 -2.21
N ALA C 148 -5.29 16.32 -3.01
CA ALA C 148 -4.86 16.78 -4.32
C ALA C 148 -4.03 18.04 -4.13
N TYR C 149 -2.79 18.01 -4.63
CA TYR C 149 -1.97 19.22 -4.73
C TYR C 149 -2.24 19.99 -6.05
N ARG C 150 -3.46 20.50 -6.19
CA ARG C 150 -3.81 21.37 -7.31
C ARG C 150 -4.94 22.26 -6.87
N CYS C 151 -5.41 23.12 -7.78
CA CYS C 151 -6.48 24.08 -7.46
C CYS C 151 -7.91 23.60 -7.58
N PHE C 152 -8.79 24.29 -6.87
CA PHE C 152 -10.23 24.01 -6.90
C PHE C 152 -11.03 25.29 -7.25
N SER C 153 -12.34 25.14 -7.34
CA SER C 153 -13.18 26.28 -7.66
C SER C 153 -13.15 27.32 -6.52
N GLN C 154 -12.73 26.93 -5.32
CA GLN C 154 -12.45 27.82 -4.20
C GLN C 154 -11.04 27.52 -3.76
N PRO C 155 -10.39 28.50 -3.11
CA PRO C 155 -9.07 28.37 -2.56
C PRO C 155 -9.03 27.16 -1.67
N ARG C 156 -7.91 26.45 -1.71
CA ARG C 156 -7.86 25.12 -1.15
C ARG C 156 -6.85 25.05 -0.01
N HIS C 157 -7.31 24.72 1.20
CA HIS C 157 -6.42 24.36 2.30
C HIS C 157 -6.11 22.84 2.26
N ILE C 158 -4.85 22.49 2.17
CA ILE C 158 -4.42 21.15 1.91
C ILE C 158 -3.84 20.42 3.14
N SER C 159 -3.08 21.13 3.99
CA SER C 159 -2.51 20.50 5.20
C SER C 159 -3.50 20.65 6.38
N VAL C 160 -4.58 19.88 6.35
CA VAL C 160 -5.69 20.13 7.25
C VAL C 160 -5.56 19.38 8.57
N ALA C 161 -4.78 18.30 8.61
CA ALA C 161 -4.75 17.42 9.78
C ALA C 161 -3.33 17.02 10.08
N MET C 162 -2.59 17.97 10.64
CA MET C 162 -1.15 17.85 10.83
C MET C 162 -0.87 17.15 12.14
N ASP C 163 0.12 16.26 12.17
CA ASP C 163 0.40 15.57 13.43
C ASP C 163 0.64 16.61 14.55
N LYS C 164 1.45 17.62 14.22
CA LYS C 164 1.82 18.63 15.21
C LYS C 164 0.63 19.34 15.84
N PHE C 165 -0.51 19.38 15.16
CA PHE C 165 -1.70 19.95 15.80
C PHE C 165 -2.64 18.83 16.28
N GLY C 166 -2.07 17.67 16.56
CA GLY C 166 -2.88 16.50 16.91
C GLY C 166 -3.93 16.17 15.86
N PHE C 167 -3.51 16.14 14.60
CA PHE C 167 -4.33 15.57 13.53
C PHE C 167 -5.67 16.26 13.35
N SER C 168 -5.75 17.53 13.75
CA SER C 168 -6.79 18.34 13.18
C SER C 168 -6.40 19.82 13.00
N LEU C 169 -7.34 20.66 12.65
CA LEU C 169 -7.02 22.07 12.50
C LEU C 169 -6.75 22.69 13.86
N PRO C 170 -5.71 23.55 13.95
CA PRO C 170 -5.58 24.28 15.22
C PRO C 170 -6.74 25.22 15.46
N TYR C 171 -7.40 25.66 14.42
CA TYR C 171 -8.60 26.47 14.58
C TYR C 171 -9.23 26.57 13.20
N VAL C 172 -10.53 26.82 13.11
CA VAL C 172 -11.24 26.53 11.87
C VAL C 172 -10.88 27.50 10.72
N GLN C 173 -10.45 28.71 11.07
CA GLN C 173 -10.00 29.69 10.09
C GLN C 173 -8.50 29.63 9.80
N TYR C 174 -7.84 28.57 10.23
CA TYR C 174 -6.43 28.37 9.92
C TYR C 174 -6.13 28.02 8.45
N PHE C 175 -5.12 28.69 7.87
CA PHE C 175 -4.81 28.58 6.45
C PHE C 175 -3.34 28.43 6.14
N GLY C 176 -2.52 28.07 7.13
CA GLY C 176 -1.09 27.93 6.90
C GLY C 176 -0.68 26.53 6.43
N GLY C 177 0.62 26.32 6.30
CA GLY C 177 1.17 25.06 5.94
C GLY C 177 1.23 24.85 4.42
N VAL C 178 0.17 24.23 3.88
CA VAL C 178 0.06 23.95 2.47
C VAL C 178 -1.29 24.46 2.00
N SER C 179 -1.30 25.17 0.88
CA SER C 179 -2.57 25.66 0.37
C SER C 179 -2.43 25.77 -1.13
N ALA C 180 -3.53 25.85 -1.86
CA ALA C 180 -3.51 26.06 -3.33
C ALA C 180 -4.38 27.23 -3.73
N LEU C 181 -3.92 28.05 -4.66
CA LEU C 181 -4.82 29.04 -5.24
C LEU C 181 -4.72 28.95 -6.73
N SER C 182 -5.82 29.06 -7.45
CA SER C 182 -5.72 29.29 -8.89
C SER C 182 -5.03 30.64 -9.13
N LYS C 183 -4.62 30.85 -10.37
CA LYS C 183 -4.06 32.11 -10.78
C LYS C 183 -5.09 33.24 -10.54
N GLN C 184 -6.35 32.99 -10.89
CA GLN C 184 -7.38 34.00 -10.68
C GLN C 184 -7.62 34.31 -9.20
N GLN C 185 -7.71 33.28 -8.35
CA GLN C 185 -7.91 33.51 -6.92
C GLN C 185 -6.75 34.32 -6.37
N PHE C 186 -5.53 34.00 -6.78
CA PHE C 186 -4.40 34.79 -6.39
C PHE C 186 -4.47 36.29 -6.78
N LEU C 187 -4.82 36.54 -8.04
CA LEU C 187 -4.87 37.90 -8.57
C LEU C 187 -6.03 38.67 -7.93
N THR C 188 -7.08 37.97 -7.56
CA THR C 188 -8.26 38.65 -7.05
C THR C 188 -7.98 39.32 -5.69
N ILE C 189 -7.06 38.73 -4.92
CA ILE C 189 -6.72 39.26 -3.61
C ILE C 189 -5.40 40.02 -3.64
N ASN C 190 -4.93 40.42 -4.82
CA ASN C 190 -3.66 41.15 -4.97
C ASN C 190 -2.53 40.39 -4.31
N GLY C 191 -2.53 39.07 -4.47
CA GLY C 191 -1.46 38.27 -3.91
C GLY C 191 -1.43 38.36 -2.40
N PHE C 192 -0.26 38.10 -1.86
CA PHE C 192 -0.08 38.00 -0.43
C PHE C 192 0.59 39.31 0.04
N PRO C 193 0.52 39.61 1.35
CA PRO C 193 1.07 40.84 1.87
C PRO C 193 2.58 40.78 1.93
N ASN C 194 3.22 41.94 1.71
CA ASN C 194 4.68 42.02 1.69
C ASN C 194 5.36 42.37 3.00
N ASN C 195 4.58 42.80 3.98
CA ASN C 195 5.14 43.39 5.19
C ASN C 195 4.89 42.67 6.51
N TYR C 196 4.79 41.35 6.46
CA TYR C 196 4.87 40.49 7.62
C TYR C 196 6.29 39.97 7.68
N TRP C 197 7.06 40.48 8.64
CA TRP C 197 8.47 40.12 8.83
C TRP C 197 8.58 39.31 10.11
N GLY C 198 9.30 38.19 10.04
CA GLY C 198 9.37 37.26 11.16
C GLY C 198 8.07 36.46 11.28
N TRP C 199 8.07 35.53 12.23
CA TRP C 199 7.02 34.52 12.38
C TRP C 199 5.62 35.06 12.72
N GLY C 200 4.61 34.56 12.02
CA GLY C 200 3.22 34.72 12.43
C GLY C 200 2.36 35.65 11.59
N GLY C 201 1.08 35.30 11.50
CA GLY C 201 0.00 36.20 11.07
C GLY C 201 -0.19 36.36 9.58
N GLU C 202 0.86 36.15 8.80
CA GLU C 202 0.72 36.34 7.37
C GLU C 202 -0.35 35.41 6.74
N ASP C 203 -0.40 34.15 7.19
CA ASP C 203 -1.43 33.20 6.73
C ASP C 203 -2.86 33.62 7.12
N ASP C 204 -3.01 34.24 8.28
CA ASP C 204 -4.31 34.78 8.70
C ASP C 204 -4.68 35.95 7.81
N ASP C 205 -3.68 36.77 7.49
CA ASP C 205 -3.93 37.90 6.64
C ASP C 205 -4.43 37.39 5.29
N ILE C 206 -3.73 36.41 4.74
CA ILE C 206 -4.17 35.71 3.51
C ILE C 206 -5.61 35.19 3.59
N PHE C 207 -5.94 34.46 4.64
CA PHE C 207 -7.32 34.09 4.87
C PHE C 207 -8.33 35.26 4.84
N ASN C 208 -8.05 36.32 5.59
CA ASN C 208 -8.91 37.53 5.51
C ASN C 208 -9.11 38.06 4.10
N ARG C 209 -8.02 38.12 3.35
CA ARG C 209 -8.08 38.59 1.96
C ARG C 209 -9.12 37.76 1.21
N LEU C 210 -9.05 36.44 1.36
CA LEU C 210 -9.89 35.54 0.55
C LEU C 210 -11.34 35.79 0.96
N VAL C 211 -11.55 35.88 2.26
CA VAL C 211 -12.89 36.09 2.77
C VAL C 211 -13.38 37.48 2.32
N PHE C 212 -12.53 38.49 2.39
CA PHE C 212 -12.97 39.80 1.93
C PHE C 212 -13.27 39.83 0.44
N ARG C 213 -12.78 38.84 -0.31
CA ARG C 213 -13.08 38.86 -1.73
C ARG C 213 -14.18 37.91 -2.07
N GLY C 214 -14.93 37.50 -1.05
CA GLY C 214 -16.09 36.69 -1.32
C GLY C 214 -15.83 35.19 -1.53
N MET C 215 -14.68 34.68 -1.08
CA MET C 215 -14.35 33.27 -1.21
C MET C 215 -14.47 32.50 0.11
N SER C 216 -14.48 31.17 0.06
CA SER C 216 -14.47 30.34 1.28
C SER C 216 -13.46 29.22 1.10
N ILE C 217 -12.91 28.70 2.20
CA ILE C 217 -11.86 27.72 2.14
C ILE C 217 -12.39 26.31 1.79
N SER C 218 -11.92 25.72 0.71
CA SER C 218 -12.21 24.30 0.39
C SER C 218 -11.16 23.39 1.05
N ARG C 219 -11.60 22.24 1.57
CA ARG C 219 -10.66 21.36 2.31
C ARG C 219 -10.92 19.89 2.02
N PRO C 220 -9.88 19.05 1.95
CA PRO C 220 -10.18 17.60 1.97
C PRO C 220 -10.72 17.18 3.35
N ASN C 221 -11.16 15.92 3.50
CA ASN C 221 -11.42 15.42 4.85
C ASN C 221 -10.15 15.20 5.68
N ALA C 222 -10.32 15.21 7.00
CA ALA C 222 -9.22 15.01 7.93
C ALA C 222 -8.39 13.75 7.64
N VAL C 223 -9.02 12.66 7.23
CA VAL C 223 -8.20 11.47 6.98
C VAL C 223 -7.32 11.65 5.75
N VAL C 224 -7.91 12.08 4.65
CA VAL C 224 -7.11 12.34 3.45
C VAL C 224 -6.13 13.49 3.67
N GLY C 225 -6.55 14.46 4.46
CA GLY C 225 -5.72 15.63 4.69
C GLY C 225 -4.67 15.50 5.78
N THR C 226 -4.41 14.27 6.21
CA THR C 226 -3.38 13.98 7.21
C THR C 226 -2.00 14.32 6.68
N THR C 227 -1.23 15.02 7.49
CA THR C 227 0.06 15.59 7.06
C THR C 227 1.13 15.45 8.16
N ARG C 228 2.33 15.06 7.80
CA ARG C 228 3.39 14.95 8.80
C ARG C 228 4.31 16.20 8.81
N HIS C 229 4.62 16.73 10.00
CA HIS C 229 5.54 17.88 10.11
C HIS C 229 6.90 17.45 10.64
N ILE C 230 7.97 17.69 9.87
CA ILE C 230 9.31 17.33 10.35
C ILE C 230 9.63 18.19 11.58
N ARG C 231 9.89 17.53 12.72
CA ARG C 231 10.16 18.25 13.99
C ARG C 231 11.45 19.05 13.87
N HIS C 232 11.51 20.26 14.42
CA HIS C 232 12.72 21.06 14.33
C HIS C 232 12.73 22.20 15.36
N SER C 233 13.90 22.69 15.74
CA SER C 233 13.93 23.82 16.68
C SER C 233 13.79 25.18 15.95
N ARG C 234 13.58 26.25 16.72
CA ARG C 234 13.42 27.59 16.14
C ARG C 234 14.49 27.90 15.08
N ASP C 235 14.11 28.58 14.01
CA ASP C 235 15.13 29.17 13.13
C ASP C 235 15.59 30.47 13.78
N LYS C 236 16.90 30.77 13.68
CA LYS C 236 17.39 32.13 13.96
C LYS C 236 16.81 33.12 12.92
N LYS C 237 16.44 34.32 13.37
CA LYS C 237 16.06 35.40 12.45
C LYS C 237 14.68 35.24 11.84
N ASN C 238 13.79 34.61 12.60
CA ASN C 238 12.38 34.53 12.26
C ASN C 238 11.60 34.69 13.56
N GLU C 239 11.98 35.70 14.33
CA GLU C 239 11.31 36.11 15.56
C GLU C 239 9.82 36.27 15.38
N PRO C 240 9.01 35.81 16.35
CA PRO C 240 7.60 36.15 16.32
C PRO C 240 7.46 37.66 16.19
N ASN C 241 6.69 38.09 15.20
CA ASN C 241 6.56 39.50 14.89
C ASN C 241 5.48 40.12 15.75
N PRO C 242 5.84 41.13 16.57
CA PRO C 242 4.88 41.71 17.51
C PRO C 242 3.82 42.57 16.83
N GLN C 243 4.08 43.00 15.60
CA GLN C 243 3.13 43.83 14.89
C GLN C 243 1.98 43.04 14.26
N ARG C 244 2.06 41.70 14.34
CA ARG C 244 1.18 40.83 13.54
C ARG C 244 -0.31 40.91 13.83
N PHE C 245 -0.67 41.09 15.11
CA PHE C 245 -2.07 41.20 15.50
C PHE C 245 -2.73 42.49 15.00
N ASP C 246 -2.02 43.62 15.13
CA ASP C 246 -2.48 44.88 14.52
C ASP C 246 -2.64 44.70 13.03
N ARG C 247 -1.68 44.00 12.42
CA ARG C 247 -1.64 43.84 10.98
C ARG C 247 -2.85 43.11 10.41
N ILE C 248 -3.20 41.95 10.98
CA ILE C 248 -4.34 41.17 10.50
C ILE C 248 -5.68 41.92 10.68
N ALA C 249 -5.72 42.82 11.67
CA ALA C 249 -6.95 43.55 11.96
C ALA C 249 -7.30 44.57 10.86
N HIS C 250 -6.31 44.90 10.03
CA HIS C 250 -6.47 45.89 8.97
C HIS C 250 -6.35 45.36 7.52
N THR C 251 -6.30 44.03 7.38
CA THR C 251 -6.19 43.38 6.07
C THR C 251 -7.10 43.95 4.99
N LYS C 252 -8.34 44.28 5.35
CA LYS C 252 -9.27 44.79 4.34
C LYS C 252 -8.82 46.08 3.66
N GLU C 253 -8.13 46.96 4.40
CA GLU C 253 -7.75 48.27 3.87
C GLU C 253 -6.44 48.10 3.15
N THR C 254 -5.51 47.44 3.85
CA THR C 254 -4.15 47.30 3.37
C THR C 254 -3.99 46.45 2.10
N MET C 255 -4.88 45.49 1.85
CA MET C 255 -4.71 44.56 0.75
C MET C 255 -4.92 45.30 -0.56
N LEU C 256 -5.62 46.42 -0.50
CA LEU C 256 -5.78 47.25 -1.69
C LEU C 256 -4.44 47.69 -2.26
N SER C 257 -3.49 47.99 -1.38
CA SER C 257 -2.29 48.73 -1.78
C SER C 257 -1.03 47.95 -1.40
N ASP C 258 -1.24 46.76 -0.85
CA ASP C 258 -0.12 45.91 -0.46
C ASP C 258 -0.19 44.47 -0.95
N GLY C 259 0.81 44.05 -1.70
CA GLY C 259 0.77 42.74 -2.31
C GLY C 259 1.48 42.69 -3.64
N LEU C 260 0.82 42.07 -4.59
CA LEU C 260 1.41 41.83 -5.90
C LEU C 260 1.73 43.15 -6.60
N ASN C 261 0.79 44.07 -6.56
CA ASN C 261 0.99 45.41 -7.11
C ASN C 261 1.95 46.31 -6.31
N SER C 262 2.71 45.79 -5.35
CA SER C 262 3.63 46.64 -4.60
C SER C 262 4.89 45.83 -4.41
N LEU C 263 4.93 44.68 -5.07
CA LEU C 263 6.00 43.73 -4.82
C LEU C 263 7.31 44.18 -5.47
N THR C 264 8.41 44.17 -4.71
CA THR C 264 9.72 44.51 -5.26
C THR C 264 10.79 43.56 -4.73
N TYR C 265 11.75 43.19 -5.56
CA TYR C 265 12.74 42.20 -5.14
C TYR C 265 13.76 42.07 -6.25
N GLN C 266 14.90 41.46 -5.97
CA GLN C 266 15.87 41.20 -7.01
C GLN C 266 16.35 39.75 -7.04
N VAL C 267 16.12 39.05 -8.14
CA VAL C 267 16.65 37.67 -8.28
C VAL C 267 18.17 37.79 -8.42
N LEU C 268 18.93 37.01 -7.64
CA LEU C 268 20.38 36.97 -7.82
C LEU C 268 20.89 35.73 -8.57
N ASP C 269 20.26 34.58 -8.34
CA ASP C 269 20.53 33.36 -9.12
C ASP C 269 19.38 32.34 -9.16
N VAL C 270 19.32 31.62 -10.27
CA VAL C 270 18.30 30.61 -10.52
C VAL C 270 19.11 29.32 -10.78
N GLN C 271 19.05 28.37 -9.87
CA GLN C 271 19.73 27.07 -10.09
C GLN C 271 18.72 26.11 -10.69
N ARG C 272 19.01 25.51 -11.85
CA ARG C 272 18.21 24.36 -12.30
C ARG C 272 18.76 23.03 -11.78
N TYR C 273 18.34 22.62 -10.59
CA TYR C 273 18.80 21.31 -10.11
C TYR C 273 17.94 20.17 -10.72
N PRO C 274 18.44 18.93 -10.60
CA PRO C 274 17.63 17.88 -11.23
C PRO C 274 16.20 17.85 -10.70
N LEU C 275 16.02 18.09 -9.40
CA LEU C 275 14.72 17.90 -8.77
C LEU C 275 13.94 19.18 -8.45
N TYR C 276 14.51 20.33 -8.79
CA TYR C 276 13.88 21.57 -8.39
C TYR C 276 14.67 22.77 -8.91
N THR C 277 13.95 23.87 -9.08
CA THR C 277 14.54 25.15 -9.41
C THR C 277 14.62 25.96 -8.13
N GLN C 278 15.83 26.35 -7.76
CA GLN C 278 16.04 27.28 -6.66
C GLN C 278 16.25 28.73 -7.16
N ILE C 279 15.32 29.62 -6.83
CA ILE C 279 15.47 31.06 -7.05
C ILE C 279 15.96 31.75 -5.77
N THR C 280 17.23 32.13 -5.73
CA THR C 280 17.78 32.93 -4.61
C THR C 280 17.48 34.41 -4.89
N VAL C 281 16.78 35.07 -3.98
CA VAL C 281 16.23 36.39 -4.22
C VAL C 281 16.44 37.33 -3.02
N ASP C 282 16.64 38.62 -3.34
CA ASP C 282 16.85 39.65 -2.31
C ASP C 282 15.51 40.31 -2.18
N ILE C 283 14.87 40.11 -1.03
CA ILE C 283 13.53 40.64 -0.83
C ILE C 283 13.52 41.88 0.10
N GLY C 284 14.70 42.28 0.57
CA GLY C 284 14.85 43.56 1.26
C GLY C 284 14.81 43.39 2.77
N THR C 285 14.37 44.43 3.48
CA THR C 285 14.42 44.43 4.94
C THR C 285 13.26 45.25 5.44
N PRO C 286 12.88 45.06 6.71
CA PRO C 286 11.80 45.90 7.20
C PRO C 286 12.21 47.37 7.16
N SER C 287 11.29 48.26 6.82
CA SER C 287 11.59 49.71 6.89
C SER C 287 12.09 50.16 8.29
C2 BGC D . -15.00 -34.23 15.97
C3 BGC D . -14.18 -32.94 16.11
C4 BGC D . -14.37 -32.11 17.39
C5 BGC D . -15.20 -32.75 18.52
C6 BGC D . -16.00 -31.66 19.22
C1 BGC D . -15.43 -34.77 17.33
O1 BGC D . -16.37 -35.80 17.06
O2 BGC D . -14.26 -35.21 15.27
O3 BGC D . -14.57 -32.12 15.04
O4 BGC D . -13.10 -31.76 17.91
O5 BGC D . -16.09 -33.74 18.03
O6 BGC D . -17.07 -31.26 18.38
C1 GAL D . -12.82 -30.35 17.75
C2 GAL D . -11.48 -30.06 18.43
C3 GAL D . -11.03 -28.62 18.22
C4 GAL D . -11.08 -28.29 16.72
C5 GAL D . -12.45 -28.67 16.13
C6 GAL D . -12.62 -28.40 14.63
O2 GAL D . -11.62 -30.26 19.81
O3 GAL D . -9.74 -28.44 18.79
O4 GAL D . -10.07 -29.03 16.09
O5 GAL D . -12.65 -30.04 16.39
O6 GAL D . -11.40 -28.04 14.02
O6 GAL D . -13.99 -28.21 14.33
C1 NAG D . -9.39 -27.06 18.95
C2 NAG D . -8.72 -26.94 20.33
C3 NAG D . -8.17 -25.55 20.60
C4 NAG D . -7.35 -25.12 19.38
C5 NAG D . -8.13 -25.24 18.08
C6 NAG D . -7.21 -24.85 16.93
C7 NAG D . -9.54 -28.51 21.98
C8 NAG D . -10.51 -28.84 23.07
N2 NAG D . -9.64 -27.33 21.38
O3 NAG D . -7.38 -25.61 21.75
O4 NAG D . -7.04 -23.76 19.49
O5 NAG D . -8.61 -26.55 17.88
O6 NAG D . -6.42 -25.96 16.54
O7 NAG D . -8.69 -29.34 21.66
C2 BGC E . -10.73 5.24 -39.61
C3 BGC E . -9.84 4.45 -38.64
C4 BGC E . -10.34 3.03 -38.37
C5 BGC E . -10.91 2.34 -39.62
C6 BGC E . -11.79 1.14 -39.26
C1 BGC E . -10.90 4.37 -40.85
O1 BGC E . -11.57 5.09 -41.86
O2 BGC E . -10.09 6.44 -39.98
O3 BGC E . -9.63 5.15 -37.43
O4 BGC E . -9.20 2.27 -37.99
O5 BGC E . -11.64 3.22 -40.46
O6 BGC E . -12.68 1.54 -38.24
C1 GAL E . -9.21 1.94 -36.60
C2 GAL E . -8.23 0.77 -36.51
C3 GAL E . -7.94 0.35 -35.07
C4 GAL E . -7.80 1.56 -34.13
C5 GAL E . -8.89 2.61 -34.41
C6 GAL E . -9.04 3.78 -33.42
O2 GAL E . -8.74 -0.31 -37.25
O3 GAL E . -6.75 -0.42 -35.11
O4 GAL E . -6.50 2.12 -34.21
O5 GAL E . -8.79 3.01 -35.77
O6 GAL E . -7.89 4.03 -32.63
O6 GAL E . -10.37 3.91 -32.97
C1 NAG E . -6.64 -1.39 -34.06
C2 NAG E . -6.08 -2.70 -34.61
C3 NAG E . -5.82 -3.65 -33.43
C4 NAG E . -4.91 -2.99 -32.39
C5 NAG E . -5.63 -1.71 -31.96
C6 NAG E . -4.91 -0.92 -30.86
C7 NAG E . -6.72 -3.18 -36.94
C8 NAG E . -7.72 -3.83 -37.90
N2 NAG E . -6.97 -3.25 -35.63
O3 NAG E . -5.26 -4.87 -33.84
O4 NAG E . -4.76 -3.83 -31.29
O5 NAG E . -5.78 -0.88 -33.08
O6 NAG E . -3.59 -0.58 -31.23
O7 NAG E . -5.69 -2.65 -37.37
C2 BGC F . -5.75 33.07 23.03
C3 BGC F . -4.66 32.90 21.98
C4 BGC F . -5.16 33.47 20.65
C5 BGC F . -5.67 34.91 20.82
C6 BGC F . -6.44 35.40 19.59
C1 BGC F . -5.96 34.58 23.15
O1 BGC F . -6.76 34.92 24.26
O2 BGC F . -5.35 32.47 24.24
O3 BGC F . -4.20 31.58 21.86
O4 BGC F . -4.05 33.43 19.77
O5 BGC F . -6.53 35.06 21.95
O6 BGC F . -7.39 34.44 19.21
C1 GAL F . -4.27 32.58 18.63
C2 GAL F . -3.02 32.72 17.77
C3 GAL F . -2.92 31.67 16.66
C4 GAL F . -3.13 30.30 17.28
C5 GAL F . -4.49 30.29 18.00
C6 GAL F . -4.92 28.93 18.56
O2 GAL F . -2.97 34.00 17.17
O3 GAL F . -1.64 31.78 16.09
O4 GAL F . -2.03 29.95 18.11
O5 GAL F . -4.51 31.26 19.03
O6 GAL F . -3.97 27.92 18.33
O6 GAL F . -6.33 28.84 18.41
C1 NAG F . -1.52 31.25 14.76
C2 NAG F . -0.66 32.20 13.93
C3 NAG F . -0.38 31.57 12.55
C4 NAG F . 0.13 30.14 12.71
C5 NAG F . -0.86 29.34 13.55
C6 NAG F . -0.41 27.91 13.82
C7 NAG F . -0.99 34.58 14.45
C8 NAG F . -1.83 35.81 14.22
N2 NAG F . -1.37 33.48 13.79
O3 NAG F . 0.54 32.35 11.83
O4 NAG F . 0.39 29.58 11.43
O5 NAG F . -0.99 29.95 14.81
O6 NAG F . 0.85 27.93 14.44
O7 NAG F . -0.04 34.64 15.24
N1 UDP G . 4.63 -21.58 22.97
C2 UDP G . 5.98 -21.34 23.20
N3 UDP G . 6.83 -22.42 23.43
C4 UDP G . 6.32 -23.71 23.44
C5 UDP G . 4.96 -23.99 23.21
C6 UDP G . 4.17 -22.89 22.77
O2 UDP G . 6.44 -20.16 23.23
O4 UDP G . 7.13 -24.59 23.65
C1' UDP G . 3.71 -20.44 22.80
C2' UDP G . 3.88 -19.68 21.50
O2' UDP G . 3.54 -18.34 21.81
C3' UDP G . 2.84 -20.39 20.63
C4' UDP G . 1.70 -20.62 21.60
O4' UDP G . 2.34 -20.86 22.82
O3' UDP G . 2.52 -19.61 19.50
C5' UDP G . 0.71 -21.75 21.25
O5' UDP G . 1.34 -22.97 20.96
PA UDP G . 1.43 -23.67 19.47
O1A UDP G . 2.42 -22.98 18.58
O2A UDP G . 1.78 -25.12 19.55
O3A UDP G . -0.02 -23.68 18.76
PB UDP G . -0.11 -24.27 17.24
O1B UDP G . -1.39 -25.04 17.17
O2B UDP G . 1.00 -25.21 16.88
O3B UDP G . -0.06 -23.08 16.33
MN MN H . 1.88 -22.23 16.43
C1 GOL I . -4.71 -23.52 21.74
O1 GOL I . -4.48 -22.18 22.19
C2 GOL I . -3.49 -24.42 22.01
O2 GOL I . -3.30 -24.74 23.38
C3 GOL I . -2.24 -23.62 21.63
O3 GOL I . -2.51 -22.97 20.40
S SO4 J . 7.29 -17.14 4.09
O1 SO4 J . 7.90 -16.25 3.11
O2 SO4 J . 6.44 -16.28 4.90
O3 SO4 J . 8.30 -17.83 4.90
O4 SO4 J . 6.51 -18.17 3.41
S SO4 K . 5.30 9.60 17.43
O1 SO4 K . 5.76 10.37 16.26
O2 SO4 K . 6.24 9.75 18.53
O3 SO4 K . 5.34 8.17 17.05
O4 SO4 K . 3.98 10.07 17.85
S SO4 L . -15.28 -3.34 14.20
O1 SO4 L . -14.93 -1.92 14.33
O2 SO4 L . -16.00 -3.78 15.41
O3 SO4 L . -14.10 -4.14 13.89
O4 SO4 L . -16.14 -3.54 13.03
S SO4 M . 2.91 -14.66 43.36
O1 SO4 M . 2.95 -13.31 42.79
O2 SO4 M . 1.70 -15.01 44.11
O3 SO4 M . 4.07 -14.75 44.24
O4 SO4 M . 2.95 -15.67 42.31
N1 UDP N . 5.57 -10.07 -29.83
C2 UDP N . 6.86 -10.57 -29.58
N3 UDP N . 7.88 -10.37 -30.48
C4 UDP N . 7.63 -9.65 -31.65
C5 UDP N . 6.36 -9.12 -31.93
C6 UDP N . 5.33 -9.38 -30.99
O2 UDP N . 7.16 -11.21 -28.57
O4 UDP N . 8.55 -9.52 -32.43
C1' UDP N . 4.49 -10.34 -28.85
C2' UDP N . 4.75 -9.62 -27.56
O2' UDP N . 4.05 -10.35 -26.57
C3' UDP N . 4.03 -8.29 -27.81
C4' UDP N . 2.77 -8.79 -28.49
O4' UDP N . 3.18 -9.92 -29.25
O3' UDP N . 3.77 -7.65 -26.58
C5' UDP N . 2.08 -7.75 -29.38
O5' UDP N . 3.04 -7.06 -30.14
PA UDP N . 3.39 -5.47 -29.95
O1A UDP N . 4.24 -5.17 -28.74
O2A UDP N . 4.03 -4.93 -31.17
O3A UDP N . 2.00 -4.67 -29.86
PB UDP N . 2.12 -3.05 -29.84
O1B UDP N . 0.92 -2.54 -30.57
O2B UDP N . 3.39 -2.55 -30.46
O3B UDP N . 2.18 -2.65 -28.39
MN MN O . 4.00 -3.47 -27.25
C1 GOL P . -1.30 -6.88 -32.61
O1 GOL P . -1.69 -7.46 -33.83
C2 GOL P . -2.50 -6.51 -31.76
O2 GOL P . -2.92 -7.59 -30.91
C3 GOL P . -1.83 -5.42 -30.94
O3 GOL P . -0.43 -5.72 -30.89
C1 GOL Q . 16.09 -16.39 -30.08
O1 GOL Q . 15.99 -15.16 -30.77
C2 GOL Q . 15.03 -16.67 -29.03
O2 GOL Q . 14.36 -17.86 -29.39
C3 GOL Q . 14.14 -15.48 -28.66
O3 GOL Q . 12.83 -15.65 -29.20
S SO4 R . 9.69 3.62 -16.50
O1 SO4 R . 10.25 4.97 -16.50
O2 SO4 R . 9.01 3.40 -15.23
O3 SO4 R . 10.80 2.67 -16.62
O4 SO4 R . 8.80 3.43 -17.64
S SO4 S . 13.58 -1.18 -27.04
O1 SO4 S . 13.60 -0.27 -28.19
O2 SO4 S . 13.01 -0.49 -25.88
O3 SO4 S . 14.94 -1.63 -26.74
O4 SO4 S . 12.77 -2.35 -27.38
S SO4 T . -15.96 -7.25 -11.88
O1 SO4 T . -14.56 -6.78 -12.01
O2 SO4 T . -16.85 -6.09 -11.71
O3 SO4 T . -16.06 -8.18 -10.73
O4 SO4 T . -16.43 -7.89 -13.11
S SO4 U . 1.38 -20.36 -0.22
O1 SO4 U . 1.75 -19.99 1.14
O2 SO4 U . 0.01 -20.88 -0.39
O3 SO4 U . 2.37 -21.39 -0.60
O4 SO4 U . 1.53 -19.18 -1.07
S SO4 V . 18.47 -14.08 -15.53
O1 SO4 V . 18.25 -15.12 -14.51
O2 SO4 V . 19.90 -13.78 -15.62
O3 SO4 V . 17.76 -12.82 -15.24
O4 SO4 V . 18.00 -14.60 -16.82
N1 UDP W . 11.46 28.86 6.56
C2 UDP W . 12.76 28.53 6.20
N3 UDP W . 13.86 28.99 6.90
C4 UDP W . 13.64 29.86 7.98
C5 UDP W . 12.35 30.21 8.34
C6 UDP W . 11.29 29.49 7.78
O2 UDP W . 12.95 27.78 5.25
O4 UDP W . 14.63 30.27 8.59
C1' UDP W . 10.29 28.35 5.78
C2' UDP W . 10.09 26.83 5.74
O2' UDP W . 9.44 26.53 4.52
C3' UDP W . 9.16 26.66 6.91
C4' UDP W . 8.21 27.84 6.74
O4' UDP W . 9.05 28.87 6.22
O3' UDP W . 8.45 25.45 6.96
C5' UDP W . 7.47 28.22 8.01
O5' UDP W . 8.36 28.36 9.10
PA UDP W . 8.41 27.31 10.34
O1A UDP W . 8.62 25.95 9.80
O2A UDP W . 9.53 27.55 11.29
O3A UDP W . 6.96 27.46 11.04
PB UDP W . 6.67 26.78 12.48
O1B UDP W . 5.31 27.18 12.92
O2B UDP W . 7.68 27.31 13.45
O3B UDP W . 6.79 25.29 12.38
MN MN X . 7.87 24.07 10.86
C1 GOL Y . 5.00 30.20 9.96
O1 GOL Y . 4.23 29.22 10.58
C2 GOL Y . 4.08 31.34 9.57
O2 GOL Y . 4.24 32.51 10.34
C3 GOL Y . 2.63 30.86 9.51
O3 GOL Y . 2.60 29.93 8.45
S SO4 Z . 10.56 9.87 12.54
O1 SO4 Z . 11.40 10.64 11.63
O2 SO4 Z . 9.22 10.45 12.55
O3 SO4 Z . 11.16 9.92 13.89
O4 SO4 Z . 10.55 8.48 12.10
S SO4 AA . 5.24 8.97 -17.36
O1 SO4 AA . 4.20 9.82 -17.97
O2 SO4 AA . 6.60 9.51 -17.57
O3 SO4 AA . 5.32 7.65 -18.04
O4 SO4 AA . 4.94 8.85 -15.94
#